data_8UGA
#
_entry.id   8UGA
#
_cell.length_a   1.00
_cell.length_b   1.00
_cell.length_c   1.00
_cell.angle_alpha   90.00
_cell.angle_beta   90.00
_cell.angle_gamma   90.00
#
_symmetry.space_group_name_H-M   'P 1'
#
_entity_poly.entity_id   1
_entity_poly.type   'polypeptide(L)'
_entity_poly.pdbx_seq_one_letter_code
;MSEELVPHPNESLPGPRASPREVWKKGGRLLSVLLAVNVLLLACTLISGGAFNKVAVYDTDVFALLTTMMLLAALWIVFY
LLRTARCPDAVPYRDAHAGPIWLRGGLVLFGICTLVMDVFKTGYYSSFFECQSAIKILHPIIQAVFVIVQTYFLWISAKD
CIHTHLDLTRCGLMFTLATNLAIWMAAVVDESVHQAHSYSGSHGNTSHTRLNPDSKRAGGAAEEDPCLCSTAICQIFQQG
YFYLYPFNIEYSLFASTMLYVMWKNVGRLLASTHGHGHTPSRVSLFRETFFAGPVLGLLLFVVGLAVFILYEVQVSGERG
HTRQALVIYYSFNIVCLGLMTLVSLSGSVIYRFDRRAMDHHKNPTRTLDVALLWGAALGQYAISYYSIVAVVVGSPRDLQ
GALNLSHALLMIAQHTFQNVFIIESLHRGPPGAEPREMPPKEPCQGITFANLDAIRTLPSCPPTPRLVIPNLESPQEAVA
IISAPRCHWRRRCLKDISLFLLLCNVILWIMPAFGARPHFSNTVEVDFYGYSLWAAIVNICLPFGIFYRMHAVSSLLEVY
VLS
;
_entity_poly.pdbx_strand_id   A,B
#
# COMPACT_ATOMS: atom_id res chain seq x y z
N GLY A 28 23.98 1.22 4.07
CA GLY A 28 23.88 2.01 2.86
C GLY A 28 22.59 1.79 2.10
N ARG A 29 22.05 0.57 2.19
CA ARG A 29 20.81 0.26 1.52
C ARG A 29 19.62 0.90 2.22
N LEU A 30 19.64 0.92 3.55
CA LEU A 30 18.51 1.47 4.31
C LEU A 30 18.36 2.97 4.10
N LEU A 31 19.48 3.69 3.96
CA LEU A 31 19.40 5.14 3.74
C LEU A 31 18.66 5.46 2.45
N SER A 32 18.94 4.70 1.38
CA SER A 32 18.26 4.94 0.11
C SER A 32 16.78 4.62 0.20
N VAL A 33 16.43 3.53 0.90
CA VAL A 33 15.03 3.15 1.02
C VAL A 33 14.25 4.21 1.78
N LEU A 34 14.81 4.69 2.90
CA LEU A 34 14.12 5.70 3.69
C LEU A 34 13.97 7.01 2.92
N LEU A 35 14.99 7.37 2.13
CA LEU A 35 14.89 8.57 1.32
C LEU A 35 13.78 8.45 0.30
N ALA A 36 13.64 7.28 -0.33
CA ALA A 36 12.61 7.09 -1.35
C ALA A 36 11.21 7.18 -0.75
N VAL A 37 10.98 6.51 0.37
CA VAL A 37 9.64 6.48 0.95
C VAL A 37 9.25 7.86 1.47
N ASN A 38 10.19 8.57 2.11
CA ASN A 38 9.90 9.91 2.59
C ASN A 38 9.60 10.86 1.44
N VAL A 39 10.34 10.74 0.34
CA VAL A 39 10.06 11.55 -0.84
C VAL A 39 8.72 11.16 -1.43
N LEU A 40 8.44 9.85 -1.53
CA LEU A 40 7.19 9.39 -2.10
C LEU A 40 6.00 9.83 -1.26
N LEU A 41 6.12 9.75 0.07
CA LEU A 41 5.01 10.13 0.95
C LEU A 41 4.66 11.60 0.79
N LEU A 42 5.67 12.47 0.69
CA LEU A 42 5.41 13.88 0.47
C LEU A 42 4.73 14.11 -0.87
N ALA A 43 5.17 13.41 -1.92
CA ALA A 43 4.55 13.56 -3.23
C ALA A 43 3.12 13.04 -3.22
N CYS A 44 2.87 11.91 -2.56
CA CYS A 44 1.53 11.34 -2.53
C CYS A 44 0.56 12.24 -1.80
N THR A 45 1.00 12.86 -0.70
CA THR A 45 0.13 13.77 0.04
C THR A 45 -0.25 14.98 -0.81
N LEU A 46 0.72 15.54 -1.54
CA LEU A 46 0.44 16.68 -2.41
C LEU A 46 -0.52 16.30 -3.53
N ILE A 47 -0.33 15.12 -4.11
CA ILE A 47 -1.20 14.68 -5.20
C ILE A 47 -2.61 14.40 -4.70
N SER A 48 -2.73 13.63 -3.61
CA SER A 48 -4.04 13.28 -3.09
C SER A 48 -4.72 14.47 -2.43
N GLY A 49 -3.96 15.29 -1.70
CA GLY A 49 -4.54 16.45 -1.07
C GLY A 49 -5.06 17.48 -2.06
N GLY A 50 -4.32 17.69 -3.15
CA GLY A 50 -4.70 18.69 -4.13
C GLY A 50 -5.82 18.31 -5.06
N ALA A 51 -6.25 17.04 -5.02
CA ALA A 51 -7.32 16.58 -5.90
C ALA A 51 -8.58 16.15 -5.17
N PHE A 52 -8.47 15.63 -3.95
CA PHE A 52 -9.61 15.12 -3.22
C PHE A 52 -10.11 16.09 -2.15
N ASN A 53 -9.64 17.33 -2.16
CA ASN A 53 -10.11 18.31 -1.20
C ASN A 53 -11.44 18.90 -1.65
N LYS A 54 -12.10 19.61 -0.73
CA LYS A 54 -13.43 20.14 -0.99
C LYS A 54 -13.43 21.60 -1.41
N VAL A 55 -12.31 22.31 -1.26
CA VAL A 55 -12.27 23.72 -1.66
C VAL A 55 -12.18 23.83 -3.18
N ALA A 56 -11.11 23.30 -3.77
CA ALA A 56 -10.92 23.33 -5.21
C ALA A 56 -9.90 22.28 -5.59
N VAL A 57 -10.02 21.78 -6.81
CA VAL A 57 -9.07 20.80 -7.34
C VAL A 57 -7.88 21.55 -7.91
N TYR A 58 -6.69 21.19 -7.45
CA TYR A 58 -5.46 21.87 -7.85
C TYR A 58 -4.60 20.93 -8.68
N ASP A 59 -4.19 21.41 -9.86
CA ASP A 59 -3.34 20.66 -10.76
C ASP A 59 -2.05 21.38 -11.14
N THR A 60 -2.03 22.72 -11.07
CA THR A 60 -0.80 23.45 -11.39
C THR A 60 0.30 23.14 -10.38
N ASP A 61 -0.04 23.07 -9.10
CA ASP A 61 0.95 22.70 -8.09
C ASP A 61 1.38 21.25 -8.24
N VAL A 62 0.43 20.37 -8.57
CA VAL A 62 0.78 18.96 -8.79
C VAL A 62 1.71 18.83 -9.99
N PHE A 63 1.40 19.55 -11.07
CA PHE A 63 2.30 19.56 -12.23
C PHE A 63 3.65 20.15 -11.87
N ALA A 64 3.66 21.22 -11.07
CA ALA A 64 4.92 21.82 -10.66
C ALA A 64 5.74 20.86 -9.81
N LEU A 65 5.08 20.11 -8.94
CA LEU A 65 5.80 19.14 -8.12
C LEU A 65 6.38 18.01 -8.98
N LEU A 66 5.56 17.46 -9.88
CA LEU A 66 6.05 16.38 -10.74
C LEU A 66 7.17 16.86 -11.65
N THR A 67 7.03 18.06 -12.21
CA THR A 67 8.09 18.63 -13.04
C THR A 67 9.37 18.79 -12.24
N THR A 68 9.27 19.15 -10.96
CA THR A 68 10.44 19.25 -10.11
C THR A 68 11.08 17.88 -9.89
N MET A 69 10.28 16.89 -9.51
CA MET A 69 10.82 15.58 -9.15
C MET A 69 11.55 14.93 -10.34
N MET A 70 10.98 15.06 -11.54
CA MET A 70 11.65 14.52 -12.71
C MET A 70 12.97 15.23 -12.98
N LEU A 71 13.08 16.50 -12.58
CA LEU A 71 14.29 17.27 -12.88
C LEU A 71 15.50 16.69 -12.15
N LEU A 72 15.39 16.50 -10.83
CA LEU A 72 16.51 15.89 -10.10
C LEU A 72 16.71 14.43 -10.50
N ALA A 73 15.63 13.72 -10.80
CA ALA A 73 15.78 12.34 -11.27
C ALA A 73 16.52 12.29 -12.61
N ALA A 74 16.18 13.20 -13.53
CA ALA A 74 16.90 13.26 -14.80
C ALA A 74 18.33 13.73 -14.60
N LEU A 75 18.54 14.70 -13.70
CA LEU A 75 19.88 15.23 -13.49
C LEU A 75 20.81 14.16 -12.93
N TRP A 76 20.33 13.36 -11.98
CA TRP A 76 21.17 12.28 -11.44
C TRP A 76 21.48 11.24 -12.52
N ILE A 77 20.48 10.87 -13.32
CA ILE A 77 20.70 9.91 -14.39
C ILE A 77 21.69 10.44 -15.41
N VAL A 78 21.52 11.71 -15.80
CA VAL A 78 22.46 12.33 -16.74
C VAL A 78 23.86 12.35 -16.14
N PHE A 79 23.98 12.71 -14.87
CA PHE A 79 25.28 12.66 -14.19
C PHE A 79 25.78 11.23 -14.11
N TYR A 80 24.90 10.27 -13.84
CA TYR A 80 25.32 8.88 -13.76
C TYR A 80 25.83 8.38 -15.10
N LEU A 81 25.16 8.73 -16.19
CA LEU A 81 25.57 8.27 -17.51
C LEU A 81 26.94 8.83 -17.88
N LEU A 82 27.16 10.12 -17.63
CA LEU A 82 28.45 10.73 -17.97
C LEU A 82 29.57 10.13 -17.12
N ARG A 83 29.31 9.90 -15.83
CA ARG A 83 30.33 9.37 -14.94
C ARG A 83 30.57 7.89 -15.12
N THR A 84 29.74 7.19 -15.89
CA THR A 84 29.90 5.77 -16.14
C THR A 84 30.31 5.43 -17.56
N ALA A 85 30.39 6.42 -18.45
CA ALA A 85 30.78 6.16 -19.83
C ALA A 85 32.20 5.62 -19.91
N ARG A 86 33.12 6.17 -19.11
CA ARG A 86 34.47 5.63 -19.05
C ARG A 86 34.48 4.22 -18.48
N CYS A 87 33.67 3.97 -17.46
CA CYS A 87 33.61 2.67 -16.82
C CYS A 87 32.88 1.66 -17.70
N HIS A 97 19.10 -12.41 -12.32
CA HIS A 97 19.89 -11.31 -11.80
C HIS A 97 19.46 -9.99 -12.42
N ALA A 98 19.33 -9.97 -13.74
CA ALA A 98 18.93 -8.77 -14.47
C ALA A 98 17.42 -8.61 -14.56
N GLY A 99 16.65 -9.53 -14.00
CA GLY A 99 15.21 -9.46 -14.03
C GLY A 99 14.64 -10.05 -15.30
N PRO A 100 13.32 -9.96 -15.46
CA PRO A 100 12.68 -10.49 -16.68
C PRO A 100 13.20 -9.81 -17.93
N ILE A 101 13.31 -10.60 -19.00
CA ILE A 101 13.82 -10.08 -20.27
C ILE A 101 12.81 -9.14 -20.92
N TRP A 102 11.51 -9.40 -20.74
CA TRP A 102 10.48 -8.59 -21.37
C TRP A 102 10.34 -7.20 -20.75
N LEU A 103 11.01 -6.94 -19.64
CA LEU A 103 10.89 -5.63 -18.99
C LEU A 103 11.42 -4.52 -19.90
N ARG A 104 12.55 -4.77 -20.56
CA ARG A 104 13.13 -3.75 -21.43
C ARG A 104 12.22 -3.45 -22.62
N GLY A 105 11.63 -4.49 -23.22
CA GLY A 105 10.76 -4.28 -24.36
C GLY A 105 9.50 -3.50 -24.00
N GLY A 106 8.86 -3.86 -22.89
CA GLY A 106 7.69 -3.12 -22.45
C GLY A 106 8.00 -1.70 -22.04
N LEU A 107 9.19 -1.48 -21.48
CA LEU A 107 9.60 -0.13 -21.09
C LEU A 107 9.73 0.76 -22.32
N VAL A 108 10.32 0.25 -23.40
CA VAL A 108 10.47 1.04 -24.62
C VAL A 108 9.12 1.24 -25.30
N LEU A 109 8.28 0.20 -25.31
CA LEU A 109 6.98 0.31 -25.98
C LEU A 109 6.11 1.38 -25.34
N PHE A 110 6.06 1.40 -24.00
CA PHE A 110 5.25 2.40 -23.31
C PHE A 110 5.98 3.72 -23.13
N GLY A 111 7.32 3.71 -23.17
CA GLY A 111 8.06 4.96 -23.19
C GLY A 111 7.81 5.76 -24.46
N ILE A 112 7.74 5.07 -25.61
CA ILE A 112 7.44 5.73 -26.87
C ILE A 112 6.03 6.32 -26.84
N CYS A 113 5.08 5.58 -26.27
CA CYS A 113 3.72 6.11 -26.13
C CYS A 113 3.71 7.36 -25.25
N THR A 114 4.49 7.35 -24.18
CA THR A 114 4.58 8.53 -23.32
C THR A 114 5.27 9.70 -24.03
N LEU A 115 6.09 9.40 -25.05
CA LEU A 115 6.70 10.48 -25.83
C LEU A 115 5.68 11.10 -26.78
N VAL A 116 4.81 10.29 -27.37
CA VAL A 116 3.83 10.80 -28.32
C VAL A 116 2.85 11.75 -27.64
N MET A 117 2.37 11.38 -26.44
CA MET A 117 1.44 12.25 -25.73
C MET A 117 2.09 13.57 -25.36
N ASP A 118 3.37 13.55 -24.98
CA ASP A 118 4.07 14.79 -24.65
C ASP A 118 4.22 15.68 -25.88
N VAL A 119 4.53 15.08 -27.03
CA VAL A 119 4.66 15.86 -28.26
C VAL A 119 3.33 16.51 -28.61
N PHE A 120 2.24 15.77 -28.48
CA PHE A 120 0.92 16.35 -28.74
C PHE A 120 0.54 17.38 -27.69
N LYS A 121 0.99 17.20 -26.45
CA LYS A 121 0.64 18.14 -25.38
C LYS A 121 1.26 19.51 -25.63
N THR A 122 2.57 19.56 -25.91
CA THR A 122 3.22 20.83 -26.14
C THR A 122 2.67 21.53 -27.38
N GLY A 123 2.42 20.77 -28.44
CA GLY A 123 1.91 21.36 -29.67
C GLY A 123 0.57 22.04 -29.46
N TYR A 124 -0.32 21.40 -28.70
CA TYR A 124 -1.61 22.02 -28.41
C TYR A 124 -1.48 23.16 -27.42
N TYR A 125 -0.65 22.98 -26.39
CA TYR A 125 -0.54 23.98 -25.34
C TYR A 125 0.23 25.21 -25.81
N SER A 126 1.17 25.05 -26.72
CA SER A 126 1.92 26.19 -27.24
C SER A 126 1.14 26.98 -28.29
N SER A 127 -0.01 26.47 -28.74
CA SER A 127 -0.81 27.20 -29.70
C SER A 127 -1.33 28.51 -29.10
N PHE A 128 -1.78 28.47 -27.85
CA PHE A 128 -2.21 29.66 -27.13
C PHE A 128 -1.53 29.68 -25.77
N PHE A 129 -0.96 30.82 -25.42
CA PHE A 129 -0.27 30.99 -24.14
C PHE A 129 -0.95 32.00 -23.22
N GLU A 130 -1.88 32.80 -23.74
CA GLU A 130 -2.52 33.83 -22.92
C GLU A 130 -3.55 33.25 -21.96
N CYS A 131 -3.99 32.02 -22.18
CA CYS A 131 -5.06 31.41 -21.39
C CYS A 131 -4.52 30.25 -20.55
N GLN A 132 -3.29 29.82 -20.85
CA GLN A 132 -2.71 28.63 -20.15
C GLN A 132 -1.62 29.05 -19.17
N SER A 133 -0.75 28.11 -18.80
CA SER A 133 0.35 28.40 -17.83
C SER A 133 1.68 27.93 -18.40
N ALA A 134 2.79 28.31 -17.76
CA ALA A 134 4.13 27.86 -18.22
C ALA A 134 4.33 26.38 -17.87
N ILE A 135 3.86 25.97 -16.69
CA ILE A 135 4.01 24.54 -16.28
C ILE A 135 3.17 23.67 -17.23
N LYS A 136 2.00 24.15 -17.66
CA LYS A 136 1.19 23.38 -18.63
C LYS A 136 2.08 23.06 -19.84
N ILE A 137 3.19 23.77 -20.01
CA ILE A 137 4.03 23.55 -21.19
C ILE A 137 5.39 22.97 -20.82
N LEU A 138 5.97 23.44 -19.70
CA LEU A 138 7.24 22.89 -19.26
C LEU A 138 7.10 21.46 -18.77
N HIS A 139 5.94 21.11 -18.19
CA HIS A 139 5.75 19.75 -17.69
C HIS A 139 5.83 18.69 -18.79
N PRO A 140 5.09 18.79 -19.91
CA PRO A 140 5.29 17.79 -20.97
C PRO A 140 6.68 17.80 -21.55
N ILE A 141 7.33 18.96 -21.63
CA ILE A 141 8.70 19.02 -22.13
C ILE A 141 9.64 18.28 -21.18
N ILE A 142 9.49 18.50 -19.88
CA ILE A 142 10.36 17.86 -18.91
C ILE A 142 10.08 16.36 -18.85
N GLN A 143 8.81 15.97 -18.94
CA GLN A 143 8.47 14.55 -18.97
C GLN A 143 9.06 13.87 -20.20
N ALA A 144 8.99 14.53 -21.36
CA ALA A 144 9.60 13.97 -22.56
C ALA A 144 11.11 13.84 -22.40
N VAL A 145 11.75 14.83 -21.79
CA VAL A 145 13.18 14.72 -21.49
C VAL A 145 13.41 13.61 -20.48
N PHE A 146 12.57 13.54 -19.45
CA PHE A 146 12.74 12.50 -18.42
C PHE A 146 12.55 11.11 -19.00
N VAL A 147 11.55 10.93 -19.85
CA VAL A 147 11.31 9.61 -20.44
C VAL A 147 12.47 9.20 -21.34
N ILE A 148 12.97 10.12 -22.17
CA ILE A 148 14.05 9.79 -23.10
C ILE A 148 15.30 9.40 -22.32
N VAL A 149 15.65 10.18 -21.30
CA VAL A 149 16.88 9.92 -20.55
C VAL A 149 16.75 8.65 -19.72
N GLN A 150 15.59 8.44 -19.10
CA GLN A 150 15.41 7.26 -18.25
C GLN A 150 15.34 5.98 -19.07
N THR A 151 14.63 6.01 -20.20
CA THR A 151 14.49 4.81 -21.02
C THR A 151 15.84 4.33 -21.55
N TYR A 152 16.68 5.26 -22.00
CA TYR A 152 18.02 4.88 -22.44
C TYR A 152 18.85 4.36 -21.28
N PHE A 153 18.73 4.97 -20.11
CA PHE A 153 19.51 4.54 -18.96
C PHE A 153 19.13 3.13 -18.52
N LEU A 154 17.83 2.83 -18.48
CA LEU A 154 17.38 1.50 -18.08
C LEU A 154 17.67 0.45 -19.14
N TRP A 155 17.80 0.85 -20.41
CA TRP A 155 18.05 -0.11 -21.47
C TRP A 155 19.48 -0.64 -21.41
N ILE A 156 20.45 0.25 -21.23
CA ILE A 156 21.86 -0.13 -21.26
C ILE A 156 22.23 -0.84 -19.97
N SER A 157 23.41 -1.46 -19.96
CA SER A 157 23.88 -2.18 -18.78
C SER A 157 24.08 -1.25 -17.59
N THR A 164 33.33 4.13 -6.89
CA THR A 164 32.14 3.46 -7.38
C THR A 164 30.90 4.06 -6.71
N HIS A 165 31.10 4.56 -5.49
CA HIS A 165 30.08 5.25 -4.69
C HIS A 165 28.73 4.56 -4.72
N LEU A 166 28.65 3.36 -4.15
CA LEU A 166 27.39 2.63 -4.09
C LEU A 166 26.33 3.42 -3.35
N ASP A 167 26.72 4.23 -2.37
CA ASP A 167 25.74 4.97 -1.58
C ASP A 167 24.98 5.97 -2.43
N LEU A 168 25.69 6.73 -3.27
CA LEU A 168 25.01 7.67 -4.15
C LEU A 168 24.18 6.94 -5.20
N THR A 169 24.70 5.84 -5.74
CA THR A 169 23.97 5.08 -6.75
C THR A 169 22.66 4.56 -6.21
N ARG A 170 22.67 4.00 -5.00
CA ARG A 170 21.44 3.49 -4.40
C ARG A 170 20.46 4.62 -4.10
N CYS A 171 20.96 5.75 -3.57
CA CYS A 171 20.09 6.88 -3.27
C CYS A 171 19.49 7.48 -4.54
N GLY A 172 20.30 7.59 -5.59
CA GLY A 172 19.78 8.13 -6.84
C GLY A 172 18.76 7.22 -7.49
N LEU A 173 19.01 5.91 -7.47
CA LEU A 173 18.06 4.96 -8.03
C LEU A 173 16.75 4.96 -7.26
N MET A 174 16.84 5.00 -5.92
CA MET A 174 15.62 4.95 -5.11
C MET A 174 14.81 6.23 -5.24
N PHE A 175 15.48 7.38 -5.36
CA PHE A 175 14.76 8.62 -5.64
C PHE A 175 14.08 8.55 -7.00
N THR A 176 14.76 7.96 -7.99
CA THR A 176 14.15 7.79 -9.31
C THR A 176 12.95 6.86 -9.24
N LEU A 177 13.01 5.84 -8.40
CA LEU A 177 11.85 4.98 -8.17
C LEU A 177 10.70 5.78 -7.57
N ALA A 178 10.99 6.64 -6.60
CA ALA A 178 9.96 7.47 -6.01
C ALA A 178 9.38 8.47 -7.00
N THR A 179 10.21 8.97 -7.92
CA THR A 179 9.70 9.88 -8.95
C THR A 179 8.71 9.17 -9.86
N ASN A 180 9.00 7.94 -10.26
CA ASN A 180 8.10 7.20 -11.14
C ASN A 180 6.82 6.82 -10.42
N LEU A 181 6.93 6.41 -9.15
CA LEU A 181 5.73 6.06 -8.38
C LEU A 181 4.85 7.27 -8.13
N ALA A 182 5.45 8.44 -7.96
CA ALA A 182 4.66 9.67 -7.83
C ALA A 182 3.94 9.99 -9.13
N ILE A 183 4.59 9.77 -10.27
CA ILE A 183 3.95 9.97 -11.56
C ILE A 183 2.84 8.93 -11.76
N TRP A 184 3.07 7.71 -11.31
CA TRP A 184 2.03 6.67 -11.41
C TRP A 184 0.80 7.05 -10.59
N MET A 185 0.99 7.54 -9.37
CA MET A 185 -0.15 7.89 -8.53
C MET A 185 -0.89 9.10 -9.08
N ALA A 186 -0.17 10.10 -9.57
CA ALA A 186 -0.83 11.27 -10.15
C ALA A 186 -1.62 10.89 -11.40
N ALA A 187 -1.08 9.98 -12.21
CA ALA A 187 -1.79 9.53 -13.40
C ALA A 187 -3.07 8.79 -13.02
N VAL A 188 -3.00 7.93 -12.00
CA VAL A 188 -4.19 7.20 -11.56
C VAL A 188 -5.24 8.16 -11.02
N VAL A 189 -4.83 9.13 -10.22
CA VAL A 189 -5.76 10.11 -9.67
C VAL A 189 -6.37 10.96 -10.79
N ASP A 190 -5.57 11.25 -11.82
CA ASP A 190 -6.05 12.09 -12.91
C ASP A 190 -7.24 11.45 -13.63
N GLU A 191 -7.16 10.14 -13.89
CA GLU A 191 -8.28 9.45 -14.52
C GLU A 191 -9.47 9.36 -13.56
N SER A 192 -9.21 9.16 -12.27
CA SER A 192 -10.29 9.00 -11.31
C SER A 192 -11.14 10.25 -11.18
N VAL A 193 -10.50 11.43 -11.13
CA VAL A 193 -11.23 12.68 -10.95
C VAL A 193 -11.95 13.14 -12.21
N HIS A 194 -11.63 12.58 -13.37
CA HIS A 194 -12.33 12.94 -14.59
C HIS A 194 -13.78 12.45 -14.54
N GLN A 195 -14.69 13.30 -14.98
CA GLN A 195 -16.13 13.01 -14.97
C GLN A 195 -16.60 12.59 -13.59
N PHE A 237 -7.13 22.68 -34.98
CA PHE A 237 -7.48 21.42 -34.28
C PHE A 237 -6.64 21.29 -33.01
N GLN A 238 -7.25 20.81 -31.92
CA GLN A 238 -6.49 20.58 -30.66
C GLN A 238 -5.54 19.40 -30.87
N GLN A 239 -4.48 19.57 -31.65
CA GLN A 239 -3.58 18.43 -31.98
C GLN A 239 -4.48 17.21 -32.19
N GLY A 240 -5.40 17.29 -33.16
CA GLY A 240 -6.39 16.20 -33.33
C GLY A 240 -7.52 16.39 -32.34
N TYR A 241 -7.57 15.55 -31.30
CA TYR A 241 -8.61 15.69 -30.24
C TYR A 241 -8.14 14.99 -28.96
N PHE A 242 -6.82 14.75 -28.84
CA PHE A 242 -6.27 14.14 -27.61
C PHE A 242 -7.03 12.84 -27.32
N TYR A 243 -7.59 12.23 -28.37
CA TYR A 243 -8.30 10.96 -28.21
C TYR A 243 -7.44 9.94 -27.47
N LEU A 244 -6.14 9.90 -27.78
CA LEU A 244 -5.24 8.99 -27.09
C LEU A 244 -5.10 9.38 -25.63
N TYR A 245 -5.01 8.39 -24.76
CA TYR A 245 -4.89 8.73 -23.36
C TYR A 245 -3.44 8.58 -22.90
N PRO A 246 -3.04 9.33 -21.86
CA PRO A 246 -1.64 9.27 -21.41
C PRO A 246 -1.30 7.92 -20.82
N PHE A 247 -0.32 7.25 -21.43
CA PHE A 247 0.14 5.95 -20.94
C PHE A 247 1.14 6.14 -19.80
N ASN A 248 0.78 6.97 -18.81
CA ASN A 248 1.70 7.25 -17.71
C ASN A 248 1.65 6.16 -16.64
N ILE A 249 0.52 5.45 -16.52
CA ILE A 249 0.41 4.40 -15.52
C ILE A 249 1.28 3.21 -15.89
N GLU A 250 1.26 2.82 -17.16
CA GLU A 250 1.98 1.61 -17.58
C GLU A 250 3.49 1.84 -17.63
N TYR A 251 3.92 2.99 -18.13
CA TYR A 251 5.36 3.25 -18.22
C TYR A 251 5.98 3.36 -16.84
N SER A 252 5.28 4.01 -15.90
CA SER A 252 5.81 4.14 -14.55
C SER A 252 5.92 2.80 -13.84
N LEU A 253 5.06 1.84 -14.18
CA LEU A 253 5.18 0.52 -13.61
C LEU A 253 6.42 -0.20 -14.12
N PHE A 254 6.69 -0.12 -15.43
CA PHE A 254 7.87 -0.76 -15.99
C PHE A 254 9.15 -0.08 -15.52
N ALA A 255 9.14 1.25 -15.44
CA ALA A 255 10.33 1.97 -15.00
C ALA A 255 10.65 1.66 -13.54
N SER A 256 9.62 1.61 -12.69
CA SER A 256 9.85 1.32 -11.27
C SER A 256 10.40 -0.08 -11.07
N THR A 257 9.87 -1.05 -11.81
CA THR A 257 10.37 -2.43 -11.70
C THR A 257 11.83 -2.53 -12.13
N MET A 258 12.18 -1.87 -13.24
CA MET A 258 13.56 -1.92 -13.71
C MET A 258 14.51 -1.21 -12.75
N LEU A 259 14.09 -0.05 -12.23
CA LEU A 259 14.92 0.67 -11.27
C LEU A 259 15.10 -0.13 -9.99
N TYR A 260 14.03 -0.77 -9.51
CA TYR A 260 14.13 -1.59 -8.30
C TYR A 260 15.04 -2.78 -8.52
N VAL A 261 14.97 -3.42 -9.70
CA VAL A 261 15.83 -4.56 -9.99
C VAL A 261 17.29 -4.11 -10.03
N MET A 262 17.56 -2.98 -10.68
CA MET A 262 18.94 -2.49 -10.74
C MET A 262 19.43 -2.04 -9.38
N TRP A 263 18.54 -1.52 -8.54
CA TRP A 263 18.94 -1.09 -7.20
C TRP A 263 19.40 -2.27 -6.36
N LYS A 264 18.72 -3.42 -6.50
CA LYS A 264 19.13 -4.61 -5.76
C LYS A 264 20.50 -5.10 -6.19
N ASN A 265 20.81 -4.98 -7.48
CA ASN A 265 22.04 -5.53 -8.04
C ASN A 265 23.24 -4.60 -7.86
N VAL A 266 23.05 -3.42 -7.27
CA VAL A 266 24.16 -2.51 -7.05
C VAL A 266 25.09 -3.10 -5.98
N GLY A 267 26.36 -3.24 -6.32
CA GLY A 267 27.30 -3.88 -5.41
C GLY A 267 27.02 -5.34 -5.18
N ARG A 268 26.66 -6.08 -6.23
CA ARG A 268 26.37 -7.50 -6.10
C ARG A 268 27.67 -8.31 -6.15
N LEU A 269 27.80 -9.25 -5.23
CA LEU A 269 28.99 -10.09 -5.16
C LEU A 269 28.81 -11.38 -5.95
N ARG A 287 8.97 -28.39 -34.26
CA ARG A 287 7.68 -28.90 -34.71
C ARG A 287 6.93 -29.55 -33.55
N GLU A 288 6.63 -30.84 -33.70
CA GLU A 288 5.93 -31.63 -32.69
C GLU A 288 4.59 -30.99 -32.32
N THR A 289 3.70 -30.95 -33.30
CA THR A 289 2.39 -30.33 -33.14
C THR A 289 1.31 -31.28 -33.62
N PHE A 290 0.15 -31.24 -32.98
CA PHE A 290 -1.01 -32.01 -33.41
C PHE A 290 -1.81 -31.24 -34.45
N PHE A 291 -1.37 -30.01 -34.75
CA PHE A 291 -2.07 -29.10 -35.65
C PHE A 291 -3.49 -28.81 -35.15
N ALA A 292 -3.65 -28.80 -33.82
CA ALA A 292 -4.91 -28.50 -33.17
C ALA A 292 -4.81 -27.39 -32.14
N GLY A 293 -3.67 -27.25 -31.49
CA GLY A 293 -3.45 -26.20 -30.53
C GLY A 293 -3.14 -24.87 -31.18
N PRO A 294 -2.06 -24.81 -31.97
CA PRO A 294 -1.73 -23.56 -32.66
C PRO A 294 -2.85 -23.04 -33.55
N VAL A 295 -3.59 -23.94 -34.21
CA VAL A 295 -4.68 -23.51 -35.07
C VAL A 295 -5.78 -22.84 -34.24
N LEU A 296 -6.14 -23.45 -33.11
CA LEU A 296 -7.15 -22.86 -32.24
C LEU A 296 -6.66 -21.53 -31.65
N GLY A 297 -5.39 -21.48 -31.24
CA GLY A 297 -4.85 -20.24 -30.70
C GLY A 297 -4.83 -19.12 -31.73
N LEU A 298 -4.46 -19.45 -32.97
CA LEU A 298 -4.45 -18.44 -34.03
C LEU A 298 -5.86 -17.95 -34.34
N LEU A 299 -6.84 -18.85 -34.35
CA LEU A 299 -8.22 -18.44 -34.59
C LEU A 299 -8.73 -17.52 -33.49
N LEU A 300 -8.43 -17.85 -32.24
CA LEU A 300 -8.84 -16.99 -31.13
C LEU A 300 -8.13 -15.65 -31.18
N PHE A 301 -6.86 -15.64 -31.57
CA PHE A 301 -6.14 -14.38 -31.70
C PHE A 301 -6.76 -13.50 -32.78
N VAL A 302 -7.15 -14.10 -33.91
CA VAL A 302 -7.76 -13.33 -34.99
C VAL A 302 -9.11 -12.78 -34.56
N VAL A 303 -9.94 -13.61 -33.93
CA VAL A 303 -11.26 -13.18 -33.50
C VAL A 303 -11.16 -12.09 -32.45
N GLY A 304 -10.26 -12.27 -31.47
CA GLY A 304 -10.12 -11.26 -30.43
C GLY A 304 -9.57 -9.95 -30.96
N LEU A 305 -8.69 -10.00 -31.96
CA LEU A 305 -8.18 -8.77 -32.56
C LEU A 305 -9.29 -7.98 -33.22
N ALA A 306 -10.24 -8.66 -33.87
CA ALA A 306 -11.37 -7.97 -34.46
C ALA A 306 -12.24 -7.32 -33.38
N VAL A 307 -12.46 -8.02 -32.27
CA VAL A 307 -13.28 -7.47 -31.19
C VAL A 307 -12.60 -6.25 -30.58
N PHE A 308 -11.29 -6.31 -30.37
CA PHE A 308 -10.58 -5.19 -29.76
C PHE A 308 -10.64 -3.95 -30.64
N ILE A 309 -10.48 -4.12 -31.95
CA ILE A 309 -10.53 -2.98 -32.87
C ILE A 309 -11.96 -2.46 -32.98
N LEU A 310 -12.94 -3.37 -33.02
CA LEU A 310 -14.31 -2.95 -33.29
C LEU A 310 -14.91 -2.17 -32.12
N TYR A 311 -14.69 -2.63 -30.88
CA TYR A 311 -15.39 -2.08 -29.74
C TYR A 311 -14.51 -1.61 -28.59
N GLU A 312 -13.24 -2.02 -28.52
CA GLU A 312 -12.43 -1.76 -27.35
C GLU A 312 -11.47 -0.58 -27.48
N VAL A 313 -11.21 -0.12 -28.71
CA VAL A 313 -10.29 1.00 -28.87
C VAL A 313 -10.89 2.29 -28.30
N GLN A 314 -12.19 2.48 -28.47
CA GLN A 314 -12.86 3.68 -27.99
C GLN A 314 -13.47 3.47 -26.61
N GLY A 320 -21.05 4.57 -25.78
CA GLY A 320 -22.31 3.89 -26.05
C GLY A 320 -22.19 2.84 -27.15
N HIS A 321 -22.55 1.60 -26.81
CA HIS A 321 -22.49 0.48 -27.73
C HIS A 321 -23.79 -0.30 -27.67
N THR A 322 -24.08 -1.01 -28.75
CA THR A 322 -25.30 -1.79 -28.85
C THR A 322 -25.20 -3.07 -28.04
N ARG A 323 -26.35 -3.74 -27.87
CA ARG A 323 -26.39 -4.97 -27.09
C ARG A 323 -25.56 -6.07 -27.74
N GLN A 324 -25.57 -6.14 -29.07
CA GLN A 324 -24.81 -7.18 -29.76
C GLN A 324 -23.31 -7.02 -29.50
N ALA A 325 -22.81 -5.79 -29.45
CA ALA A 325 -21.40 -5.57 -29.18
C ALA A 325 -21.02 -6.08 -27.80
N LEU A 326 -21.88 -5.85 -26.80
CA LEU A 326 -21.60 -6.34 -25.46
C LEU A 326 -21.65 -7.86 -25.39
N VAL A 327 -22.57 -8.48 -26.13
CA VAL A 327 -22.65 -9.94 -26.17
C VAL A 327 -21.41 -10.52 -26.84
N ILE A 328 -20.96 -9.90 -27.92
CA ILE A 328 -19.80 -10.42 -28.66
C ILE A 328 -18.55 -10.38 -27.79
N TYR A 329 -18.34 -9.28 -27.07
CA TYR A 329 -17.16 -9.16 -26.23
C TYR A 329 -17.14 -10.21 -25.13
N TYR A 330 -18.29 -10.41 -24.46
CA TYR A 330 -18.35 -11.39 -23.39
C TYR A 330 -18.25 -12.81 -23.93
N SER A 331 -18.83 -13.05 -25.11
CA SER A 331 -18.78 -14.39 -25.69
C SER A 331 -17.35 -14.80 -26.01
N PHE A 332 -16.55 -13.88 -26.56
CA PHE A 332 -15.18 -14.22 -26.90
C PHE A 332 -14.34 -14.44 -25.64
N ASN A 333 -14.48 -13.56 -24.65
CA ASN A 333 -13.67 -13.67 -23.44
C ASN A 333 -14.00 -14.95 -22.67
N ILE A 334 -15.29 -15.29 -22.57
CA ILE A 334 -15.67 -16.52 -21.90
C ILE A 334 -15.10 -17.73 -22.62
N VAL A 335 -15.18 -17.73 -23.95
CA VAL A 335 -14.61 -18.83 -24.74
C VAL A 335 -13.10 -18.86 -24.59
N CYS A 336 -12.45 -17.68 -24.68
CA CYS A 336 -10.99 -17.64 -24.59
C CYS A 336 -10.51 -18.05 -23.20
N LEU A 337 -11.09 -17.48 -22.15
CA LEU A 337 -10.68 -17.83 -20.79
C LEU A 337 -11.10 -19.24 -20.44
N GLY A 338 -12.25 -19.69 -20.93
CA GLY A 338 -12.67 -21.05 -20.66
C GLY A 338 -11.77 -22.08 -21.30
N LEU A 339 -11.25 -21.78 -22.49
CA LEU A 339 -10.39 -22.74 -23.19
C LEU A 339 -9.06 -22.91 -22.49
N MET A 340 -8.45 -21.81 -22.02
CA MET A 340 -7.20 -21.92 -21.27
C MET A 340 -7.41 -22.66 -19.96
N THR A 341 -8.55 -22.44 -19.31
CA THR A 341 -8.84 -23.15 -18.07
C THR A 341 -8.88 -24.66 -18.30
N LEU A 342 -9.50 -25.10 -19.39
CA LEU A 342 -9.51 -26.51 -19.73
C LEU A 342 -8.13 -26.98 -20.18
N VAL A 343 -7.43 -26.15 -20.96
CA VAL A 343 -6.13 -26.55 -21.50
C VAL A 343 -5.09 -26.61 -20.38
N SER A 344 -5.06 -25.60 -19.51
CA SER A 344 -4.10 -25.61 -18.42
C SER A 344 -4.38 -26.75 -17.45
N LEU A 345 -5.65 -27.03 -17.18
CA LEU A 345 -6.00 -28.18 -16.36
C LEU A 345 -5.58 -29.48 -17.03
N SER A 346 -5.77 -29.58 -18.35
CA SER A 346 -5.34 -30.78 -19.07
C SER A 346 -3.83 -30.96 -19.00
N GLY A 347 -3.09 -29.85 -19.08
CA GLY A 347 -1.64 -29.95 -18.96
C GLY A 347 -1.19 -30.40 -17.58
N SER A 348 -1.88 -29.93 -16.54
CA SER A 348 -1.49 -30.29 -15.17
C SER A 348 -1.68 -31.78 -14.92
N VAL A 349 -2.79 -32.35 -15.38
CA VAL A 349 -3.04 -33.78 -15.15
C VAL A 349 -2.11 -34.65 -15.99
N ILE A 350 -1.53 -34.09 -17.06
CA ILE A 350 -0.55 -34.84 -17.83
C ILE A 350 0.69 -35.12 -16.99
N TYR A 351 1.15 -34.11 -16.24
CA TYR A 351 2.31 -34.31 -15.36
C TYR A 351 2.00 -35.27 -14.23
N ARG A 352 0.73 -35.37 -13.82
CA ARG A 352 0.37 -36.27 -12.73
C ARG A 352 0.63 -37.73 -13.09
N PHE A 353 0.56 -38.06 -14.38
CA PHE A 353 0.77 -39.44 -14.82
C PHE A 353 2.23 -39.87 -14.79
N ASP A 354 3.16 -38.93 -14.68
CA ASP A 354 4.58 -39.26 -14.62
C ASP A 354 4.96 -39.76 -13.23
N HIS A 361 13.12 -30.82 -8.32
CA HIS A 361 13.54 -31.39 -7.06
C HIS A 361 14.89 -30.84 -6.61
N LYS A 362 15.97 -31.31 -7.24
CA LYS A 362 17.29 -30.80 -6.92
C LYS A 362 17.45 -29.35 -7.32
N ASN A 363 16.83 -28.94 -8.41
CA ASN A 363 16.90 -27.55 -8.84
C ASN A 363 16.16 -26.66 -7.84
N PRO A 364 16.67 -25.46 -7.56
CA PRO A 364 16.01 -24.58 -6.60
C PRO A 364 14.73 -23.98 -7.16
N THR A 365 13.84 -23.60 -6.25
CA THR A 365 12.57 -23.00 -6.64
C THR A 365 12.82 -21.63 -7.27
N ARG A 366 12.23 -21.42 -8.45
CA ARG A 366 12.35 -20.15 -9.16
C ARG A 366 11.41 -19.15 -8.48
N THR A 367 11.91 -18.53 -7.42
CA THR A 367 11.07 -17.67 -6.60
C THR A 367 10.55 -16.47 -7.38
N LEU A 368 11.39 -15.87 -8.22
CA LEU A 368 10.97 -14.71 -8.99
C LEU A 368 9.83 -15.07 -9.94
N ASP A 369 9.94 -16.22 -10.62
CA ASP A 369 8.89 -16.62 -11.55
C ASP A 369 7.58 -16.89 -10.82
N VAL A 370 7.64 -17.56 -9.67
CA VAL A 370 6.42 -17.86 -8.92
C VAL A 370 5.83 -16.58 -8.34
N ALA A 371 6.69 -15.69 -7.81
CA ALA A 371 6.20 -14.45 -7.24
C ALA A 371 5.58 -13.54 -8.30
N LEU A 372 6.23 -13.43 -9.46
CA LEU A 372 5.71 -12.56 -10.51
C LEU A 372 4.39 -13.08 -11.07
N LEU A 373 4.29 -14.39 -11.29
CA LEU A 373 3.07 -14.96 -11.85
C LEU A 373 1.90 -14.78 -10.90
N TRP A 374 2.10 -15.10 -9.61
CA TRP A 374 1.04 -14.94 -8.64
C TRP A 374 0.86 -13.48 -8.22
N GLY A 375 1.95 -12.73 -8.14
CA GLY A 375 1.85 -11.33 -7.74
C GLY A 375 1.13 -10.48 -8.76
N ALA A 376 1.45 -10.64 -10.04
CA ALA A 376 0.82 -9.82 -11.07
C ALA A 376 -0.62 -10.25 -11.34
N ALA A 377 -0.98 -11.48 -10.99
CA ALA A 377 -2.36 -11.92 -11.13
C ALA A 377 -3.29 -11.26 -10.11
N LEU A 378 -2.74 -10.56 -9.12
CA LEU A 378 -3.57 -9.90 -8.12
C LEU A 378 -4.40 -8.79 -8.73
N GLY A 379 -3.89 -8.14 -9.78
CA GLY A 379 -4.63 -7.05 -10.40
C GLY A 379 -5.96 -7.52 -10.98
N GLN A 380 -5.94 -8.63 -11.71
CA GLN A 380 -7.18 -9.15 -12.27
C GLN A 380 -8.06 -9.79 -11.20
N TYR A 381 -7.46 -10.31 -10.13
CA TYR A 381 -8.26 -10.82 -9.02
C TYR A 381 -9.08 -9.72 -8.39
N ALA A 382 -8.47 -8.55 -8.16
CA ALA A 382 -9.20 -7.43 -7.56
C ALA A 382 -10.32 -6.96 -8.46
N ILE A 383 -10.05 -6.87 -9.77
CA ILE A 383 -11.10 -6.47 -10.72
C ILE A 383 -12.22 -7.49 -10.73
N SER A 384 -11.87 -8.78 -10.73
CA SER A 384 -12.89 -9.83 -10.71
C SER A 384 -13.66 -9.82 -9.41
N TYR A 385 -12.96 -9.68 -8.28
CA TYR A 385 -13.65 -9.65 -6.98
C TYR A 385 -14.59 -8.44 -6.89
N TYR A 386 -14.14 -7.28 -7.36
CA TYR A 386 -15.01 -6.12 -7.39
C TYR A 386 -16.21 -6.34 -8.30
N SER A 387 -15.98 -6.97 -9.45
CA SER A 387 -17.05 -7.22 -10.41
C SER A 387 -18.07 -8.21 -9.85
N ILE A 388 -17.61 -9.24 -9.13
CA ILE A 388 -18.51 -10.26 -8.63
C ILE A 388 -19.50 -9.67 -7.64
N VAL A 389 -19.01 -8.85 -6.70
CA VAL A 389 -19.93 -8.27 -5.72
C VAL A 389 -20.76 -7.17 -6.35
N ALA A 390 -20.30 -6.63 -7.48
CA ALA A 390 -21.07 -5.58 -8.19
C ALA A 390 -22.18 -6.25 -9.01
N VAL A 391 -22.05 -7.57 -9.25
CA VAL A 391 -23.12 -8.31 -9.97
C VAL A 391 -24.05 -8.91 -8.91
N VAL A 392 -23.50 -9.74 -8.02
CA VAL A 392 -24.31 -10.37 -6.94
C VAL A 392 -25.27 -9.32 -6.39
N VAL A 393 -24.80 -8.08 -6.22
CA VAL A 393 -25.65 -7.01 -5.62
C VAL A 393 -25.72 -5.85 -6.61
N GLY A 394 -26.94 -5.41 -6.95
CA GLY A 394 -27.10 -4.27 -7.88
C GLY A 394 -27.46 -4.74 -9.28
N SER A 395 -26.44 -5.24 -9.98
CA SER A 395 -26.67 -5.77 -11.34
C SER A 395 -27.98 -6.54 -11.28
N PRO A 396 -29.05 -6.07 -11.93
CA PRO A 396 -30.29 -6.83 -11.98
C PRO A 396 -29.95 -8.24 -12.49
N ARG A 397 -30.79 -9.23 -12.19
CA ARG A 397 -30.56 -10.57 -12.80
C ARG A 397 -30.93 -10.43 -14.29
N ASP A 398 -29.94 -10.22 -15.16
CA ASP A 398 -30.19 -10.03 -16.62
C ASP A 398 -29.06 -10.75 -17.38
N LEU A 399 -29.12 -10.75 -18.71
CA LEU A 399 -28.08 -11.39 -19.51
C LEU A 399 -26.71 -10.78 -19.26
N GLN A 400 -26.64 -9.45 -19.15
CA GLN A 400 -25.36 -8.80 -18.88
C GLN A 400 -24.80 -9.23 -17.53
N GLY A 401 -25.66 -9.34 -16.52
CA GLY A 401 -25.21 -9.80 -15.22
C GLY A 401 -24.67 -11.22 -15.25
N ALA A 402 -25.36 -12.11 -15.96
CA ALA A 402 -24.88 -13.48 -16.08
C ALA A 402 -23.56 -13.54 -16.84
N LEU A 403 -23.45 -12.77 -17.93
CA LEU A 403 -22.20 -12.74 -18.69
C LEU A 403 -21.08 -12.09 -17.88
N ASN A 404 -21.39 -11.03 -17.15
CA ASN A 404 -20.37 -10.37 -16.33
C ASN A 404 -19.89 -11.29 -15.21
N LEU A 405 -20.82 -11.98 -14.54
CA LEU A 405 -20.45 -12.87 -13.45
C LEU A 405 -19.60 -14.03 -13.95
N SER A 406 -19.96 -14.63 -15.09
CA SER A 406 -19.20 -15.73 -15.62
C SER A 406 -17.81 -15.28 -16.08
N HIS A 407 -17.72 -14.12 -16.72
CA HIS A 407 -16.43 -13.63 -17.18
C HIS A 407 -15.51 -13.30 -16.01
N ALA A 408 -16.05 -12.67 -14.97
CA ALA A 408 -15.25 -12.36 -13.80
C ALA A 408 -14.77 -13.63 -13.10
N LEU A 409 -15.65 -14.63 -12.99
CA LEU A 409 -15.26 -15.90 -12.38
C LEU A 409 -14.25 -16.65 -13.23
N LEU A 410 -14.33 -16.51 -14.55
CA LEU A 410 -13.40 -17.23 -15.42
C LEU A 410 -12.00 -16.63 -15.38
N MET A 411 -11.89 -15.33 -15.13
CA MET A 411 -10.57 -14.73 -14.98
C MET A 411 -9.83 -15.29 -13.78
N ILE A 412 -10.53 -15.48 -12.66
CA ILE A 412 -9.90 -16.08 -11.48
C ILE A 412 -9.49 -17.51 -11.77
N ALA A 413 -10.37 -18.27 -12.43
CA ALA A 413 -10.05 -19.64 -12.78
C ALA A 413 -8.89 -19.71 -13.77
N GLN A 414 -8.91 -18.84 -14.79
CA GLN A 414 -7.85 -18.85 -15.79
C GLN A 414 -6.49 -18.53 -15.19
N HIS A 415 -6.44 -17.50 -14.32
CA HIS A 415 -5.17 -17.11 -13.72
C HIS A 415 -4.63 -18.20 -12.81
N THR A 416 -5.50 -18.83 -12.02
CA THR A 416 -5.05 -19.84 -11.07
C THR A 416 -4.54 -21.08 -11.78
N PHE A 417 -5.31 -21.60 -12.74
CA PHE A 417 -4.95 -22.87 -13.36
C PHE A 417 -3.82 -22.73 -14.38
N GLN A 418 -3.69 -21.55 -15.01
CA GLN A 418 -2.53 -21.33 -15.88
C GLN A 418 -1.25 -21.21 -15.07
N ASN A 419 -1.32 -20.56 -13.90
CA ASN A 419 -0.14 -20.41 -13.05
C ASN A 419 0.36 -21.78 -12.57
N VAL A 420 -0.57 -22.67 -12.22
CA VAL A 420 -0.17 -24.00 -11.76
C VAL A 420 0.56 -24.75 -12.85
N PHE A 421 0.05 -24.70 -14.08
CA PHE A 421 0.68 -25.42 -15.18
C PHE A 421 2.07 -24.86 -15.48
N ILE A 422 2.21 -23.52 -15.48
CA ILE A 422 3.49 -22.92 -15.82
C ILE A 422 4.53 -23.20 -14.74
N ILE A 423 4.13 -23.08 -13.47
CA ILE A 423 5.08 -23.25 -12.37
C ILE A 423 5.63 -24.67 -12.35
N GLU A 424 4.73 -25.65 -12.46
CA GLU A 424 5.17 -27.07 -12.43
C GLU A 424 6.09 -27.33 -13.63
N SER A 425 5.70 -26.85 -14.82
CA SER A 425 6.47 -27.16 -16.02
C SER A 425 7.90 -26.63 -15.93
N LEU A 426 8.07 -25.42 -15.40
CA LEU A 426 9.41 -24.84 -15.29
C LEU A 426 10.27 -25.60 -14.30
N HIS A 427 9.69 -26.02 -13.17
CA HIS A 427 10.48 -26.69 -12.14
C HIS A 427 10.98 -28.05 -12.62
N ARG A 428 10.14 -28.81 -13.33
CA ARG A 428 10.57 -30.10 -13.84
C ARG A 428 11.68 -29.94 -14.88
N GLY A 429 11.58 -28.93 -15.74
CA GLY A 429 12.59 -28.67 -16.73
C GLY A 429 12.62 -29.70 -17.85
N CYS A 487 6.60 -42.37 -23.69
CA CYS A 487 5.40 -41.83 -24.32
C CYS A 487 5.76 -40.70 -25.29
N HIS A 488 5.66 -41.01 -26.59
CA HIS A 488 5.96 -40.01 -27.61
C HIS A 488 4.93 -38.89 -27.64
N TRP A 489 3.67 -39.19 -27.32
CA TRP A 489 2.63 -38.17 -27.31
C TRP A 489 2.80 -37.18 -26.16
N ARG A 490 3.55 -37.55 -25.12
CA ARG A 490 3.69 -36.68 -23.96
C ARG A 490 4.35 -35.37 -24.33
N ARG A 491 5.46 -35.43 -25.08
CA ARG A 491 6.16 -34.22 -25.45
C ARG A 491 5.39 -33.44 -26.52
N ARG A 492 4.80 -34.15 -27.49
CA ARG A 492 4.08 -33.48 -28.56
C ARG A 492 2.87 -32.70 -28.06
N CYS A 493 2.13 -33.25 -27.10
CA CYS A 493 0.95 -32.57 -26.59
C CYS A 493 1.31 -31.34 -25.79
N LEU A 494 2.39 -31.38 -25.01
CA LEU A 494 2.79 -30.22 -24.22
C LEU A 494 3.25 -29.06 -25.08
N LYS A 495 3.76 -29.33 -26.29
CA LYS A 495 4.13 -28.24 -27.19
C LYS A 495 2.90 -27.44 -27.61
N ASP A 496 1.78 -28.11 -27.88
CA ASP A 496 0.57 -27.43 -28.28
C ASP A 496 -0.09 -26.71 -27.10
N ILE A 497 -0.08 -27.33 -25.92
CA ILE A 497 -0.62 -26.66 -24.73
C ILE A 497 0.16 -25.39 -24.43
N SER A 498 1.49 -25.46 -24.51
CA SER A 498 2.30 -24.27 -24.31
C SER A 498 2.05 -23.25 -25.41
N LEU A 499 1.88 -23.71 -26.66
CA LEU A 499 1.67 -22.78 -27.77
C LEU A 499 0.28 -22.19 -27.76
N PHE A 500 -0.74 -23.00 -27.41
CA PHE A 500 -2.09 -22.47 -27.33
C PHE A 500 -2.22 -21.43 -26.22
N LEU A 501 -1.63 -21.71 -25.06
CA LEU A 501 -1.67 -20.74 -23.96
C LEU A 501 -0.86 -19.50 -24.30
N LEU A 502 0.25 -19.68 -25.03
CA LEU A 502 1.07 -18.53 -25.43
C LEU A 502 0.29 -17.58 -26.32
N LEU A 503 -0.43 -18.13 -27.30
CA LEU A 503 -1.20 -17.28 -28.21
C LEU A 503 -2.41 -16.68 -27.51
N CYS A 504 -3.03 -17.44 -26.59
CA CYS A 504 -4.19 -16.93 -25.88
C CYS A 504 -3.82 -15.87 -24.85
N ASN A 505 -2.57 -15.87 -24.35
CA ASN A 505 -2.12 -14.82 -23.46
C ASN A 505 -1.82 -13.53 -24.22
N VAL A 506 -1.34 -13.64 -25.45
CA VAL A 506 -1.01 -12.46 -26.24
C VAL A 506 -2.27 -11.68 -26.58
N ILE A 507 -3.35 -12.39 -26.94
CA ILE A 507 -4.54 -11.71 -27.44
C ILE A 507 -5.22 -10.91 -26.33
N LEU A 508 -5.30 -11.47 -25.12
CA LEU A 508 -5.89 -10.71 -24.03
C LEU A 508 -4.89 -9.80 -23.33
N TRP A 509 -3.68 -9.67 -23.86
CA TRP A 509 -2.75 -8.68 -23.35
C TRP A 509 -3.10 -7.27 -23.83
N ILE A 510 -3.69 -7.15 -25.03
CA ILE A 510 -3.93 -5.83 -25.60
C ILE A 510 -5.03 -5.09 -24.85
N MET A 511 -6.01 -5.82 -24.29
CA MET A 511 -7.11 -5.15 -23.59
C MET A 511 -6.65 -4.35 -22.39
N PRO A 512 -5.84 -4.89 -21.46
CA PRO A 512 -5.32 -4.03 -20.38
C PRO A 512 -4.24 -3.07 -20.84
N ALA A 513 -3.71 -3.21 -22.07
CA ALA A 513 -2.64 -2.37 -22.56
C ALA A 513 -3.14 -1.22 -23.42
N PHE A 514 -3.98 -1.50 -24.42
CA PHE A 514 -4.42 -0.48 -25.36
C PHE A 514 -5.92 -0.27 -25.39
N GLY A 515 -6.65 -0.82 -24.42
CA GLY A 515 -8.09 -0.65 -24.35
C GLY A 515 -8.48 0.45 -23.39
N ALA A 516 -9.66 1.04 -23.61
CA ALA A 516 -10.17 2.07 -22.69
C ALA A 516 -10.35 1.44 -21.30
N ARG A 517 -9.67 1.98 -20.29
CA ARG A 517 -9.70 1.39 -18.92
C ARG A 517 -11.14 1.12 -18.46
N PRO A 518 -12.05 2.11 -18.33
CA PRO A 518 -13.39 1.84 -17.81
C PRO A 518 -14.10 0.77 -18.64
N HIS A 519 -13.82 0.70 -19.95
CA HIS A 519 -14.45 -0.30 -20.87
C HIS A 519 -15.93 -0.01 -21.08
N PHE A 520 -16.53 -0.61 -22.11
CA PHE A 520 -17.95 -0.32 -22.43
C PHE A 520 -18.84 -1.38 -21.75
N SER A 521 -18.29 -2.57 -21.50
CA SER A 521 -19.05 -3.63 -20.87
C SER A 521 -19.14 -3.48 -19.36
N ASN A 522 -18.51 -2.46 -18.78
CA ASN A 522 -18.48 -2.27 -17.34
C ASN A 522 -19.58 -1.35 -16.84
N THR A 523 -20.73 -1.33 -17.51
CA THR A 523 -21.84 -0.49 -17.06
C THR A 523 -22.33 -0.90 -15.68
N VAL A 524 -22.40 -2.21 -15.43
CA VAL A 524 -22.86 -2.70 -14.12
C VAL A 524 -21.93 -2.25 -13.01
N GLU A 525 -20.62 -2.39 -13.22
CA GLU A 525 -19.65 -1.96 -12.21
C GLU A 525 -19.63 -0.44 -12.07
N VAL A 526 -19.75 0.27 -13.17
CA VAL A 526 -19.75 1.73 -13.11
C VAL A 526 -20.97 2.24 -12.34
N ASP A 527 -22.14 1.66 -12.60
CA ASP A 527 -23.34 2.08 -11.88
C ASP A 527 -23.23 1.77 -10.39
N PHE A 528 -22.63 0.62 -10.05
CA PHE A 528 -22.54 0.22 -8.65
C PHE A 528 -21.59 1.12 -7.86
N TYR A 529 -20.40 1.35 -8.39
CA TYR A 529 -19.38 2.11 -7.68
C TYR A 529 -19.32 3.58 -8.07
N GLY A 530 -19.90 3.96 -9.20
CA GLY A 530 -19.64 5.30 -9.71
C GLY A 530 -18.42 5.31 -10.62
N TYR A 531 -18.43 6.24 -11.56
CA TYR A 531 -17.34 6.30 -12.53
C TYR A 531 -16.02 6.61 -11.85
N SER A 532 -16.02 7.54 -10.89
CA SER A 532 -14.77 7.97 -10.26
C SER A 532 -14.09 6.82 -9.53
N LEU A 533 -14.87 6.03 -8.78
CA LEU A 533 -14.28 4.93 -8.02
C LEU A 533 -13.87 3.79 -8.92
N TRP A 534 -14.70 3.44 -9.91
CA TRP A 534 -14.38 2.32 -10.78
C TRP A 534 -13.19 2.64 -11.68
N ALA A 535 -13.10 3.89 -12.15
CA ALA A 535 -11.98 4.27 -12.99
C ALA A 535 -10.66 4.16 -12.23
N ALA A 536 -10.65 4.53 -10.95
CA ALA A 536 -9.45 4.36 -10.14
C ALA A 536 -9.10 2.89 -9.97
N ILE A 537 -10.10 2.04 -9.78
CA ILE A 537 -9.85 0.61 -9.55
C ILE A 537 -9.23 -0.02 -10.79
N VAL A 538 -9.79 0.24 -11.96
CA VAL A 538 -9.27 -0.37 -13.18
C VAL A 538 -7.91 0.21 -13.54
N ASN A 539 -7.72 1.52 -13.31
CA ASN A 539 -6.43 2.13 -13.64
C ASN A 539 -5.31 1.69 -12.72
N ILE A 540 -5.64 1.11 -11.57
CA ILE A 540 -4.61 0.56 -10.68
C ILE A 540 -4.33 -0.90 -10.98
N CYS A 541 -5.38 -1.70 -11.19
CA CYS A 541 -5.23 -3.15 -11.25
C CYS A 541 -5.05 -3.68 -12.67
N LEU A 542 -5.71 -3.08 -13.65
CA LEU A 542 -5.55 -3.55 -15.03
C LEU A 542 -4.12 -3.46 -15.54
N PRO A 543 -3.35 -2.38 -15.30
CA PRO A 543 -1.96 -2.36 -15.78
C PRO A 543 -1.10 -3.48 -15.23
N PHE A 544 -1.44 -4.04 -14.06
CA PHE A 544 -0.70 -5.18 -13.55
C PHE A 544 -1.00 -6.45 -14.34
N GLY A 545 -2.11 -6.48 -15.08
CA GLY A 545 -2.36 -7.59 -15.99
C GLY A 545 -1.41 -7.59 -17.16
N ILE A 546 -0.87 -6.41 -17.53
CA ILE A 546 0.15 -6.34 -18.56
C ILE A 546 1.40 -7.08 -18.11
N PHE A 547 1.78 -6.92 -16.84
CA PHE A 547 2.93 -7.64 -16.32
C PHE A 547 2.71 -9.14 -16.34
N TYR A 548 1.50 -9.59 -15.98
CA TYR A 548 1.22 -11.02 -15.96
C TYR A 548 1.23 -11.61 -17.37
N ARG A 549 0.53 -10.95 -18.29
CA ARG A 549 0.44 -11.49 -19.65
C ARG A 549 1.81 -11.54 -20.31
N MET A 550 2.63 -10.50 -20.12
CA MET A 550 3.98 -10.50 -20.67
C MET A 550 4.83 -11.61 -20.05
N HIS A 551 4.72 -11.79 -18.74
CA HIS A 551 5.52 -12.82 -18.09
C HIS A 551 5.01 -14.22 -18.41
N ALA A 552 3.70 -14.38 -18.56
CA ALA A 552 3.15 -15.68 -18.94
C ALA A 552 3.65 -16.10 -20.31
N VAL A 553 3.70 -15.16 -21.26
CA VAL A 553 4.17 -15.48 -22.60
C VAL A 553 5.64 -15.87 -22.57
N SER A 554 6.45 -15.12 -21.84
CA SER A 554 7.88 -15.44 -21.76
C SER A 554 8.10 -16.78 -21.06
N SER A 555 7.34 -17.04 -19.99
CA SER A 555 7.44 -18.32 -19.32
C SER A 555 6.98 -19.46 -20.21
N LEU A 556 5.90 -19.25 -20.97
CA LEU A 556 5.43 -20.27 -21.89
C LEU A 556 6.39 -20.48 -23.05
N LEU A 557 7.08 -19.41 -23.48
CA LEU A 557 8.16 -19.58 -24.44
C LEU A 557 9.25 -20.47 -23.89
N GLU A 558 9.61 -20.27 -22.62
CA GLU A 558 10.60 -21.13 -21.98
C GLU A 558 10.10 -22.56 -21.86
N VAL A 559 8.83 -22.72 -21.46
CA VAL A 559 8.27 -24.06 -21.31
C VAL A 559 8.23 -24.79 -22.65
N TYR A 560 7.78 -24.10 -23.69
CA TYR A 560 7.69 -24.71 -25.01
C TYR A 560 9.06 -25.12 -25.54
N VAL A 561 10.11 -24.40 -25.16
CA VAL A 561 11.45 -24.71 -25.66
C VAL A 561 11.94 -26.04 -25.09
N LEU A 562 11.78 -26.23 -23.77
CA LEU A 562 12.27 -27.45 -23.14
C LEU A 562 11.45 -28.66 -23.55
N SER A 563 10.15 -28.63 -23.23
CA SER A 563 9.29 -29.77 -23.53
C SER A 563 7.83 -29.33 -23.64
N GLY B 28 8.86 -22.67 0.96
CA GLY B 28 7.84 -22.74 2.00
C GLY B 28 7.39 -21.39 2.49
N ARG B 29 8.31 -20.41 2.46
CA ARG B 29 7.98 -19.06 2.89
C ARG B 29 7.09 -18.36 1.87
N LEU B 30 7.37 -18.57 0.58
CA LEU B 30 6.60 -17.88 -0.46
C LEU B 30 5.15 -18.34 -0.50
N LEU B 31 4.89 -19.61 -0.22
CA LEU B 31 3.51 -20.10 -0.23
C LEU B 31 2.67 -19.40 0.82
N SER B 32 3.23 -19.19 2.02
CA SER B 32 2.49 -18.50 3.07
C SER B 32 2.24 -17.05 2.72
N VAL B 33 3.24 -16.38 2.11
CA VAL B 33 3.08 -14.98 1.75
C VAL B 33 1.99 -14.81 0.69
N LEU B 34 2.00 -15.67 -0.33
CA LEU B 34 1.00 -15.57 -1.38
C LEU B 34 -0.39 -15.88 -0.85
N LEU B 35 -0.50 -16.83 0.09
CA LEU B 35 -1.80 -17.13 0.69
C LEU B 35 -2.33 -15.93 1.46
N ALA B 36 -1.46 -15.23 2.19
CA ALA B 36 -1.89 -14.09 2.99
C ALA B 36 -2.39 -12.95 2.10
N VAL B 37 -1.62 -12.62 1.07
CA VAL B 37 -1.98 -11.48 0.21
C VAL B 37 -3.26 -11.77 -0.55
N ASN B 38 -3.41 -12.99 -1.07
CA ASN B 38 -4.62 -13.36 -1.79
C ASN B 38 -5.84 -13.31 -0.86
N VAL B 39 -5.68 -13.80 0.37
CA VAL B 39 -6.77 -13.70 1.34
C VAL B 39 -7.05 -12.24 1.69
N LEU B 40 -6.00 -11.45 1.90
CA LEU B 40 -6.18 -10.04 2.25
C LEU B 40 -6.84 -9.27 1.13
N LEU B 41 -6.44 -9.53 -0.12
CA LEU B 41 -7.02 -8.81 -1.25
C LEU B 41 -8.51 -9.08 -1.38
N LEU B 42 -8.92 -10.33 -1.19
CA LEU B 42 -10.35 -10.65 -1.23
C LEU B 42 -11.09 -9.93 -0.11
N ALA B 43 -10.53 -9.91 1.10
CA ALA B 43 -11.17 -9.22 2.22
C ALA B 43 -11.24 -7.72 1.97
N CYS B 44 -10.17 -7.13 1.44
CA CYS B 44 -10.16 -5.69 1.20
C CYS B 44 -11.19 -5.29 0.16
N THR B 45 -11.35 -6.09 -0.89
CA THR B 45 -12.34 -5.79 -1.92
C THR B 45 -13.75 -5.83 -1.34
N LEU B 46 -14.05 -6.83 -0.51
CA LEU B 46 -15.36 -6.92 0.11
C LEU B 46 -15.63 -5.75 1.04
N ILE B 47 -14.60 -5.34 1.82
CA ILE B 47 -14.77 -4.23 2.75
C ILE B 47 -14.95 -2.92 2.00
N SER B 48 -14.07 -2.65 1.03
CA SER B 48 -14.14 -1.39 0.30
C SER B 48 -15.33 -1.36 -0.65
N GLY B 49 -15.63 -2.49 -1.30
CA GLY B 49 -16.76 -2.53 -2.20
C GLY B 49 -18.10 -2.34 -1.49
N GLY B 50 -18.24 -2.95 -0.31
CA GLY B 50 -19.49 -2.87 0.42
C GLY B 50 -19.76 -1.58 1.13
N ALA B 51 -18.79 -0.67 1.18
CA ALA B 51 -18.94 0.59 1.87
C ALA B 51 -18.89 1.81 0.96
N PHE B 52 -18.12 1.75 -0.13
CA PHE B 52 -17.93 2.89 -1.01
C PHE B 52 -18.77 2.79 -2.28
N ASN B 53 -19.71 1.86 -2.34
CA ASN B 53 -20.57 1.74 -3.51
C ASN B 53 -21.70 2.76 -3.43
N LYS B 54 -22.40 2.94 -4.56
CA LYS B 54 -23.44 3.96 -4.67
C LYS B 54 -24.84 3.41 -4.45
N VAL B 55 -25.03 2.10 -4.46
CA VAL B 55 -26.36 1.54 -4.27
C VAL B 55 -26.76 1.61 -2.79
N ALA B 56 -25.98 0.96 -1.93
CA ALA B 56 -26.25 0.97 -0.50
C ALA B 56 -25.00 0.53 0.24
N VAL B 57 -24.84 1.02 1.46
CA VAL B 57 -23.73 0.64 2.31
C VAL B 57 -24.06 -0.67 3.02
N TYR B 58 -23.20 -1.67 2.87
CA TYR B 58 -23.43 -2.99 3.41
C TYR B 58 -22.43 -3.27 4.53
N ASP B 59 -22.96 -3.66 5.69
CA ASP B 59 -22.15 -4.00 6.86
C ASP B 59 -22.39 -5.40 7.38
N THR B 60 -23.57 -5.99 7.14
CA THR B 60 -23.83 -7.35 7.61
C THR B 60 -22.92 -8.35 6.91
N ASP B 61 -22.72 -8.19 5.61
CA ASP B 61 -21.80 -9.07 4.89
C ASP B 61 -20.36 -8.83 5.32
N VAL B 62 -19.98 -7.58 5.56
CA VAL B 62 -18.64 -7.28 6.05
C VAL B 62 -18.42 -7.91 7.42
N PHE B 63 -19.41 -7.78 8.30
CA PHE B 63 -19.33 -8.42 9.61
C PHE B 63 -19.27 -9.94 9.47
N ALA B 64 -20.07 -10.49 8.55
CA ALA B 64 -20.05 -11.93 8.33
C ALA B 64 -18.70 -12.40 7.82
N LEU B 65 -18.08 -11.62 6.94
CA LEU B 65 -16.75 -11.98 6.43
C LEU B 65 -15.70 -11.92 7.54
N LEU B 66 -15.70 -10.82 8.32
CA LEU B 66 -14.74 -10.70 9.40
C LEU B 66 -14.93 -11.79 10.46
N THR B 67 -16.19 -12.08 10.80
CA THR B 67 -16.47 -13.15 11.74
C THR B 67 -15.95 -14.48 11.23
N THR B 68 -16.06 -14.71 9.91
CA THR B 68 -15.52 -15.93 9.34
C THR B 68 -14.01 -15.97 9.44
N MET B 69 -13.33 -14.89 9.03
CA MET B 69 -11.86 -14.89 9.00
C MET B 69 -11.27 -15.12 10.37
N MET B 70 -11.85 -14.50 11.40
CA MET B 70 -11.36 -14.71 12.76
C MET B 70 -11.56 -16.15 13.20
N LEU B 71 -12.57 -16.83 12.66
CA LEU B 71 -12.85 -18.20 13.09
C LEU B 71 -11.72 -19.15 12.72
N LEU B 72 -11.31 -19.16 11.45
CA LEU B 72 -10.19 -20.02 11.06
C LEU B 72 -8.89 -19.55 11.69
N ALA B 73 -8.71 -18.23 11.86
CA ALA B 73 -7.53 -17.73 12.54
C ALA B 73 -7.49 -18.20 13.98
N ALA B 74 -8.62 -18.13 14.68
CA ALA B 74 -8.67 -18.63 16.05
C ALA B 74 -8.52 -20.15 16.09
N LEU B 75 -9.13 -20.86 15.14
CA LEU B 75 -9.04 -22.32 15.14
C LEU B 75 -7.60 -22.79 14.95
N TRP B 76 -6.86 -22.16 14.04
CA TRP B 76 -5.47 -22.54 13.85
C TRP B 76 -4.64 -22.24 15.10
N ILE B 77 -4.85 -21.08 15.71
CA ILE B 77 -4.12 -20.74 16.92
C ILE B 77 -4.45 -21.72 18.04
N VAL B 78 -5.73 -22.04 18.22
CA VAL B 78 -6.13 -23.00 19.24
C VAL B 78 -5.49 -24.35 18.95
N PHE B 79 -5.52 -24.78 17.70
CA PHE B 79 -4.84 -26.02 17.32
C PHE B 79 -3.33 -25.91 17.55
N TYR B 80 -2.75 -24.76 17.23
CA TYR B 80 -1.31 -24.57 17.44
C TYR B 80 -0.95 -24.64 18.91
N LEU B 81 -1.76 -24.02 19.77
CA LEU B 81 -1.47 -24.03 21.20
C LEU B 81 -1.52 -25.44 21.77
N LEU B 82 -2.56 -26.21 21.40
CA LEU B 82 -2.68 -27.57 21.91
C LEU B 82 -1.54 -28.45 21.41
N ARG B 83 -1.16 -28.29 20.14
CA ARG B 83 -0.11 -29.12 19.56
C ARG B 83 1.28 -28.71 20.00
N THR B 84 1.43 -27.55 20.66
CA THR B 84 2.72 -27.09 21.13
C THR B 84 2.88 -27.12 22.65
N ALA B 85 1.82 -27.48 23.38
CA ALA B 85 1.91 -27.53 24.84
C ALA B 85 2.93 -28.58 25.29
N ARG B 86 2.95 -29.74 24.63
CA ARG B 86 3.95 -30.75 24.94
C ARG B 86 5.35 -30.26 24.58
N CYS B 87 5.49 -29.56 23.45
CA CYS B 87 6.78 -29.06 23.00
C CYS B 87 7.22 -27.86 23.84
N HIS B 97 15.82 -10.41 17.67
CA HIS B 97 15.24 -11.65 17.18
C HIS B 97 13.75 -11.72 17.51
N ALA B 98 13.41 -11.43 18.76
CA ALA B 98 12.02 -11.46 19.21
C ALA B 98 11.29 -10.15 18.96
N GLY B 99 11.94 -9.15 18.37
CA GLY B 99 11.32 -7.89 18.10
C GLY B 99 11.38 -6.95 19.29
N PRO B 100 10.75 -5.78 19.16
CA PRO B 100 10.74 -4.82 20.26
C PRO B 100 10.05 -5.38 21.49
N ILE B 101 10.59 -5.01 22.66
CA ILE B 101 10.04 -5.52 23.92
C ILE B 101 8.68 -4.90 24.21
N TRP B 102 8.45 -3.65 23.79
CA TRP B 102 7.19 -2.97 24.08
C TRP B 102 6.03 -3.50 23.26
N LEU B 103 6.28 -4.36 22.28
CA LEU B 103 5.19 -4.89 21.46
C LEU B 103 4.20 -5.69 22.29
N ARG B 104 4.71 -6.52 23.20
CA ARG B 104 3.82 -7.33 24.04
C ARG B 104 2.96 -6.48 24.94
N GLY B 105 3.55 -5.44 25.54
CA GLY B 105 2.78 -4.58 26.43
C GLY B 105 1.68 -3.82 25.72
N GLY B 106 2.00 -3.24 24.56
CA GLY B 106 0.99 -2.54 23.78
C GLY B 106 -0.09 -3.48 23.26
N LEU B 107 0.28 -4.72 22.93
CA LEU B 107 -0.70 -5.69 22.46
C LEU B 107 -1.72 -6.00 23.54
N VAL B 108 -1.26 -6.18 24.78
CA VAL B 108 -2.17 -6.47 25.89
C VAL B 108 -3.01 -5.24 26.23
N LEU B 109 -2.40 -4.05 26.21
CA LEU B 109 -3.12 -2.84 26.57
C LEU B 109 -4.28 -2.59 25.62
N PHE B 110 -4.04 -2.73 24.31
CA PHE B 110 -5.09 -2.51 23.34
C PHE B 110 -5.97 -3.74 23.14
N GLY B 111 -5.47 -4.93 23.46
CA GLY B 111 -6.33 -6.10 23.46
C GLY B 111 -7.40 -6.03 24.52
N ILE B 112 -7.04 -5.52 25.71
CA ILE B 112 -8.02 -5.35 26.77
C ILE B 112 -9.08 -4.34 26.37
N CYS B 113 -8.66 -3.25 25.72
CA CYS B 113 -9.61 -2.26 25.23
C CYS B 113 -10.55 -2.88 24.20
N THR B 114 -10.03 -3.74 23.32
CA THR B 114 -10.88 -4.42 22.35
C THR B 114 -11.82 -5.42 23.03
N LEU B 115 -11.45 -5.90 24.22
CA LEU B 115 -12.36 -6.78 24.95
C LEU B 115 -13.51 -5.98 25.57
N VAL B 116 -13.23 -4.78 26.07
CA VAL B 116 -14.27 -3.98 26.71
C VAL B 116 -15.34 -3.58 25.72
N MET B 117 -14.94 -3.17 24.52
CA MET B 117 -15.92 -2.78 23.50
C MET B 117 -16.80 -3.97 23.11
N ASP B 118 -16.20 -5.16 23.00
CA ASP B 118 -16.99 -6.35 22.66
C ASP B 118 -18.00 -6.67 23.76
N VAL B 119 -17.58 -6.55 25.03
CA VAL B 119 -18.49 -6.82 26.13
C VAL B 119 -19.66 -5.84 26.10
N PHE B 120 -19.38 -4.56 25.85
CA PHE B 120 -20.45 -3.58 25.75
C PHE B 120 -21.30 -3.80 24.50
N LYS B 121 -20.71 -4.32 23.42
CA LYS B 121 -21.47 -4.53 22.20
C LYS B 121 -22.52 -5.62 22.37
N THR B 122 -22.12 -6.78 22.91
CA THR B 122 -23.07 -7.87 23.09
C THR B 122 -24.17 -7.49 24.08
N GLY B 123 -23.80 -6.80 25.16
CA GLY B 123 -24.79 -6.41 26.15
C GLY B 123 -25.86 -5.51 25.58
N TYR B 124 -25.46 -4.54 24.74
CA TYR B 124 -26.45 -3.68 24.11
C TYR B 124 -27.22 -4.41 23.02
N TYR B 125 -26.52 -5.23 22.22
CA TYR B 125 -27.16 -5.88 21.09
C TYR B 125 -28.08 -7.01 21.52
N SER B 126 -27.77 -7.66 22.65
CA SER B 126 -28.62 -8.74 23.14
C SER B 126 -29.86 -8.22 23.88
N SER B 127 -29.92 -6.91 24.15
CA SER B 127 -31.10 -6.35 24.81
C SER B 127 -32.33 -6.51 23.93
N PHE B 128 -32.20 -6.25 22.63
CA PHE B 128 -33.28 -6.45 21.68
C PHE B 128 -32.75 -7.26 20.50
N PHE B 129 -33.50 -8.29 20.13
CA PHE B 129 -33.12 -9.16 19.02
C PHE B 129 -34.10 -9.10 17.85
N GLU B 130 -35.28 -8.52 18.04
CA GLU B 130 -36.27 -8.47 16.97
C GLU B 130 -35.94 -7.44 15.91
N CYS B 131 -35.04 -6.51 16.20
CA CYS B 131 -34.73 -5.41 15.29
C CYS B 131 -33.31 -5.53 14.74
N GLN B 132 -32.52 -6.42 15.36
CA GLN B 132 -31.08 -6.55 14.97
C GLN B 132 -30.84 -7.83 14.18
N SER B 133 -29.58 -8.29 14.15
CA SER B 133 -29.23 -9.52 13.41
C SER B 133 -28.41 -10.46 14.30
N ALA B 134 -28.19 -11.70 13.85
CA ALA B 134 -27.39 -12.66 14.64
C ALA B 134 -25.91 -12.29 14.56
N ILE B 135 -25.46 -11.84 13.38
CA ILE B 135 -24.02 -11.45 13.20
C ILE B 135 -23.76 -10.21 14.07
N LYS B 136 -24.73 -9.30 14.16
CA LYS B 136 -24.55 -8.12 15.05
C LYS B 136 -24.18 -8.61 16.45
N ILE B 137 -24.42 -9.89 16.75
CA ILE B 137 -24.17 -10.38 18.09
C ILE B 137 -23.06 -11.42 18.10
N LEU B 138 -23.02 -12.29 17.09
CA LEU B 138 -21.96 -13.28 17.01
C LEU B 138 -20.61 -12.63 16.69
N HIS B 139 -20.61 -11.52 15.94
CA HIS B 139 -19.34 -10.87 15.60
C HIS B 139 -18.60 -10.34 16.82
N PRO B 140 -19.20 -9.57 17.74
CA PRO B 140 -18.46 -9.18 18.95
C PRO B 140 -18.06 -10.36 19.81
N ILE B 141 -18.88 -11.42 19.86
CA ILE B 141 -18.52 -12.60 20.62
C ILE B 141 -17.30 -13.28 20.00
N ILE B 142 -17.28 -13.42 18.68
CA ILE B 142 -16.15 -14.07 18.01
C ILE B 142 -14.90 -13.21 18.12
N GLN B 143 -15.06 -11.89 17.99
CA GLN B 143 -13.91 -11.00 18.14
C GLN B 143 -13.33 -11.08 19.55
N ALA B 144 -14.19 -11.13 20.56
CA ALA B 144 -13.72 -11.28 21.93
C ALA B 144 -12.99 -12.61 22.11
N VAL B 145 -13.52 -13.68 21.52
CA VAL B 145 -12.81 -14.96 21.54
C VAL B 145 -11.51 -14.85 20.77
N PHE B 146 -11.54 -14.21 19.60
CA PHE B 146 -10.34 -14.08 18.79
C PHE B 146 -9.27 -13.26 19.50
N VAL B 147 -9.66 -12.17 20.14
CA VAL B 147 -8.69 -11.33 20.84
C VAL B 147 -8.07 -12.07 22.01
N ILE B 148 -8.89 -12.78 22.78
CA ILE B 148 -8.38 -13.50 23.95
C ILE B 148 -7.39 -14.58 23.53
N VAL B 149 -7.75 -15.35 22.50
CA VAL B 149 -6.89 -16.46 22.08
C VAL B 149 -5.61 -15.93 21.42
N GLN B 150 -5.73 -14.89 20.60
CA GLN B 150 -4.56 -14.36 19.91
C GLN B 150 -3.60 -13.65 20.86
N THR B 151 -4.14 -12.87 21.81
CA THR B 151 -3.29 -12.14 22.73
C THR B 151 -2.45 -13.08 23.59
N TYR B 152 -3.07 -14.16 24.08
CA TYR B 152 -2.32 -15.15 24.85
C TYR B 152 -1.28 -15.84 23.97
N PHE B 153 -1.63 -16.15 22.72
CA PHE B 153 -0.70 -16.83 21.83
C PHE B 153 0.51 -15.97 21.52
N LEU B 154 0.30 -14.68 21.26
CA LEU B 154 1.41 -13.79 20.96
C LEU B 154 2.25 -13.47 22.19
N TRP B 155 1.66 -13.58 23.39
CA TRP B 155 2.40 -13.26 24.60
C TRP B 155 3.43 -14.34 24.92
N ILE B 156 3.03 -15.60 24.84
CA ILE B 156 3.90 -16.72 25.22
C ILE B 156 4.96 -16.93 24.14
N SER B 157 5.97 -17.74 24.46
CA SER B 157 7.05 -18.04 23.52
C SER B 157 6.53 -18.77 22.28
N THR B 164 7.45 -30.78 13.14
CA THR B 164 7.51 -29.36 13.46
C THR B 164 6.64 -28.59 12.46
N HIS B 165 6.52 -29.14 11.25
CA HIS B 165 5.67 -28.63 10.17
C HIS B 165 5.78 -27.12 10.01
N LEU B 166 6.96 -26.63 9.60
CA LEU B 166 7.14 -25.20 9.39
C LEU B 166 6.19 -24.66 8.33
N ASP B 167 5.81 -25.49 7.35
CA ASP B 167 4.95 -25.03 6.28
C ASP B 167 3.57 -24.62 6.80
N LEU B 168 2.98 -25.46 7.66
CA LEU B 168 1.68 -25.12 8.24
C LEU B 168 1.81 -23.92 9.18
N THR B 169 2.89 -23.87 9.95
CA THR B 169 3.08 -22.76 10.89
C THR B 169 3.17 -21.44 10.16
N ARG B 170 3.93 -21.39 9.07
CA ARG B 170 4.05 -20.16 8.30
C ARG B 170 2.72 -19.78 7.65
N CYS B 171 2.01 -20.76 7.08
CA CYS B 171 0.73 -20.48 6.45
C CYS B 171 -0.30 -20.01 7.47
N GLY B 172 -0.33 -20.64 8.65
CA GLY B 172 -1.27 -20.22 9.67
C GLY B 172 -0.98 -18.84 10.22
N LEU B 173 0.31 -18.53 10.43
CA LEU B 173 0.67 -17.20 10.90
C LEU B 173 0.35 -16.13 9.88
N MET B 174 0.62 -16.41 8.60
CA MET B 174 0.38 -15.40 7.56
C MET B 174 -1.10 -15.18 7.34
N PHE B 175 -1.92 -16.24 7.44
CA PHE B 175 -3.36 -16.06 7.39
C PHE B 175 -3.85 -15.24 8.57
N THR B 176 -3.26 -15.47 9.76
CA THR B 176 -3.62 -14.68 10.92
C THR B 176 -3.23 -13.22 10.72
N LEU B 177 -2.10 -12.97 10.06
CA LEU B 177 -1.71 -11.60 9.72
C LEU B 177 -2.74 -10.97 8.79
N ALA B 178 -3.22 -11.73 7.79
CA ALA B 178 -4.22 -11.20 6.88
C ALA B 178 -5.55 -10.97 7.59
N THR B 179 -5.88 -11.79 8.58
CA THR B 179 -7.11 -11.57 9.35
C THR B 179 -7.04 -10.25 10.11
N ASN B 180 -5.91 -9.97 10.73
CA ASN B 180 -5.78 -8.72 11.49
C ASN B 180 -5.76 -7.51 10.58
N LEU B 181 -5.08 -7.61 9.43
CA LEU B 181 -5.05 -6.51 8.49
C LEU B 181 -6.42 -6.24 7.89
N ALA B 182 -7.22 -7.29 7.69
CA ALA B 182 -8.59 -7.09 7.22
C ALA B 182 -9.43 -6.39 8.29
N ILE B 183 -9.22 -6.74 9.56
CA ILE B 183 -9.91 -6.06 10.64
C ILE B 183 -9.45 -4.61 10.74
N TRP B 184 -8.16 -4.36 10.52
CA TRP B 184 -7.65 -3.00 10.54
C TRP B 184 -8.28 -2.16 9.45
N MET B 185 -8.39 -2.71 8.23
CA MET B 185 -8.96 -1.94 7.13
C MET B 185 -10.45 -1.67 7.34
N ALA B 186 -11.19 -2.67 7.83
CA ALA B 186 -12.61 -2.48 8.09
C ALA B 186 -12.83 -1.45 9.18
N ALA B 187 -11.98 -1.45 10.21
CA ALA B 187 -12.09 -0.45 11.26
C ALA B 187 -11.83 0.95 10.74
N VAL B 188 -10.82 1.10 9.87
CA VAL B 188 -10.51 2.41 9.30
C VAL B 188 -11.66 2.89 8.43
N VAL B 189 -12.21 2.00 7.60
CA VAL B 189 -13.34 2.37 6.74
C VAL B 189 -14.56 2.72 7.58
N ASP B 190 -14.74 2.02 8.71
CA ASP B 190 -15.91 2.26 9.54
C ASP B 190 -15.92 3.69 10.08
N GLU B 191 -14.78 4.20 10.53
CA GLU B 191 -14.71 5.58 10.99
C GLU B 191 -14.88 6.55 9.83
N SER B 192 -14.32 6.22 8.66
CA SER B 192 -14.39 7.14 7.53
C SER B 192 -15.81 7.37 7.05
N VAL B 193 -16.62 6.30 6.97
CA VAL B 193 -17.98 6.42 6.47
C VAL B 193 -18.94 7.05 7.47
N HIS B 194 -18.55 7.15 8.74
CA HIS B 194 -19.40 7.81 9.73
C HIS B 194 -19.49 9.30 9.44
N GLN B 195 -20.71 9.83 9.55
CA GLN B 195 -20.99 11.24 9.28
C GLN B 195 -20.49 11.67 7.89
N PHE B 237 -30.53 1.93 29.21
CA PHE B 237 -29.38 2.67 28.63
C PHE B 237 -28.67 1.78 27.60
N GLN B 238 -28.24 2.38 26.48
CA GLN B 238 -27.48 1.62 25.45
C GLN B 238 -26.10 1.28 26.02
N GLN B 239 -26.01 0.35 26.98
CA GLN B 239 -24.71 0.07 27.64
C GLN B 239 -24.00 1.40 27.82
N GLY B 240 -24.63 2.34 28.55
CA GLY B 240 -24.06 3.69 28.66
C GLY B 240 -24.45 4.50 27.44
N TYR B 241 -23.49 4.76 26.54
CA TYR B 241 -23.78 5.48 25.27
C TYR B 241 -22.70 5.16 24.23
N PHE B 242 -21.97 4.06 24.43
CA PHE B 242 -20.94 3.64 23.45
C PHE B 242 -20.00 4.82 23.17
N TYR B 243 -19.88 5.73 24.16
CA TYR B 243 -18.97 6.86 24.02
C TYR B 243 -17.57 6.41 23.63
N LEU B 244 -17.10 5.30 24.22
CA LEU B 244 -15.80 4.77 23.87
C LEU B 244 -15.81 4.27 22.43
N TYR B 245 -14.69 4.48 21.75
CA TYR B 245 -14.66 4.03 20.36
C TYR B 245 -13.87 2.74 20.24
N PRO B 246 -14.17 1.92 19.22
CA PRO B 246 -13.50 0.61 19.08
C PRO B 246 -12.02 0.79 18.78
N PHE B 247 -11.17 0.27 19.67
CA PHE B 247 -9.72 0.32 19.46
C PHE B 247 -9.28 -0.82 18.55
N ASN B 248 -9.95 -0.97 17.41
CA ASN B 248 -9.62 -2.06 16.49
C ASN B 248 -8.44 -1.72 15.60
N ILE B 249 -8.20 -0.44 15.35
CA ILE B 249 -7.09 -0.04 14.49
C ILE B 249 -5.76 -0.28 15.20
N GLU B 250 -5.68 0.07 16.49
CA GLU B 250 -4.41 -0.03 17.21
C GLU B 250 -4.06 -1.47 17.53
N TYR B 251 -5.04 -2.27 17.96
CA TYR B 251 -4.74 -3.65 18.31
C TYR B 251 -4.32 -4.45 17.08
N SER B 252 -4.96 -4.21 15.95
CA SER B 252 -4.61 -4.94 14.74
C SER B 252 -3.20 -4.58 14.25
N LEU B 253 -2.74 -3.37 14.54
CA LEU B 253 -1.37 -2.99 14.19
C LEU B 253 -0.36 -3.76 15.05
N PHE B 254 -0.62 -3.85 16.36
CA PHE B 254 0.30 -4.57 17.24
C PHE B 254 0.27 -6.07 16.96
N ALA B 255 -0.92 -6.62 16.71
CA ALA B 255 -1.03 -8.04 16.42
C ALA B 255 -0.32 -8.41 15.12
N SER B 256 -0.49 -7.58 14.08
CA SER B 256 0.16 -7.87 12.80
C SER B 256 1.67 -7.81 12.92
N THR B 257 2.20 -6.83 13.66
CA THR B 257 3.64 -6.74 13.84
C THR B 257 4.19 -7.95 14.58
N MET B 258 3.50 -8.39 15.64
CA MET B 258 3.97 -9.54 16.40
C MET B 258 3.89 -10.82 15.58
N LEU B 259 2.80 -10.99 14.81
CA LEU B 259 2.68 -12.17 13.96
C LEU B 259 3.73 -12.17 12.87
N TYR B 260 4.01 -11.01 12.27
CA TYR B 260 5.03 -10.93 11.24
C TYR B 260 6.42 -11.24 11.81
N VAL B 261 6.70 -10.74 13.01
CA VAL B 261 7.99 -11.02 13.65
C VAL B 261 8.14 -12.51 13.92
N MET B 262 7.09 -13.13 14.45
CA MET B 262 7.15 -14.56 14.75
C MET B 262 7.22 -15.38 13.46
N TRP B 263 6.59 -14.90 12.39
CA TRP B 263 6.63 -15.62 11.11
C TRP B 263 8.06 -15.66 10.56
N LYS B 264 8.81 -14.57 10.71
CA LYS B 264 10.19 -14.55 10.25
C LYS B 264 11.06 -15.53 11.03
N ASN B 265 10.79 -15.67 12.33
CA ASN B 265 11.63 -16.48 13.19
C ASN B 265 11.29 -17.97 13.16
N VAL B 266 10.27 -18.36 12.38
CA VAL B 266 9.93 -19.78 12.27
C VAL B 266 11.03 -20.50 11.51
N GLY B 267 11.58 -21.55 12.13
CA GLY B 267 12.70 -22.26 11.54
C GLY B 267 13.97 -21.44 11.46
N ARG B 268 14.26 -20.67 12.49
CA ARG B 268 15.47 -19.84 12.51
C ARG B 268 16.67 -20.67 12.94
N LEU B 269 17.77 -20.53 12.21
CA LEU B 269 18.99 -21.27 12.51
C LEU B 269 19.91 -20.46 13.41
N ARG B 287 21.75 8.31 38.98
CA ARG B 287 21.62 9.74 39.20
C ARG B 287 22.17 10.53 38.01
N GLU B 288 23.18 11.36 38.28
CA GLU B 288 23.85 12.16 37.26
C GLU B 288 22.84 13.06 36.53
N THR B 289 22.26 13.98 37.29
CA THR B 289 21.23 14.89 36.76
C THR B 289 21.58 16.32 37.14
N PHE B 290 21.24 17.26 36.27
CA PHE B 290 21.41 18.68 36.55
C PHE B 290 20.18 19.21 37.28
N PHE B 291 19.19 18.36 37.49
CA PHE B 291 17.91 18.74 38.08
C PHE B 291 17.22 19.83 37.26
N ALA B 292 17.43 19.78 35.94
CA ALA B 292 16.82 20.72 35.01
C ALA B 292 16.08 20.03 33.88
N GLY B 293 16.52 18.85 33.47
CA GLY B 293 15.86 18.08 32.43
C GLY B 293 14.64 17.36 32.95
N PRO B 294 14.82 16.46 33.92
CA PRO B 294 13.67 15.75 34.49
C PRO B 294 12.60 16.67 35.05
N VAL B 295 12.99 17.79 35.65
CA VAL B 295 12.01 18.73 36.19
C VAL B 295 11.17 19.33 35.08
N LEU B 296 11.82 19.74 33.98
CA LEU B 296 11.08 20.27 32.85
C LEU B 296 10.20 19.22 32.20
N GLY B 297 10.72 17.98 32.06
CA GLY B 297 9.92 16.92 31.49
C GLY B 297 8.70 16.59 32.34
N LEU B 298 8.87 16.56 33.66
CA LEU B 298 7.75 16.29 34.54
C LEU B 298 6.70 17.40 34.47
N LEU B 299 7.15 18.66 34.40
CA LEU B 299 6.20 19.76 34.29
C LEU B 299 5.41 19.68 32.99
N LEU B 300 6.08 19.38 31.88
CA LEU B 300 5.39 19.24 30.60
C LEU B 300 4.43 18.07 30.62
N PHE B 301 4.82 16.96 31.26
CA PHE B 301 3.93 15.81 31.37
C PHE B 301 2.68 16.16 32.16
N VAL B 302 2.83 16.92 33.25
CA VAL B 302 1.69 17.29 34.06
C VAL B 302 0.77 18.23 33.28
N VAL B 303 1.34 19.23 32.61
CA VAL B 303 0.54 20.18 31.86
C VAL B 303 -0.18 19.49 30.71
N GLY B 304 0.52 18.63 29.98
CA GLY B 304 -0.11 17.94 28.87
C GLY B 304 -1.20 16.99 29.31
N LEU B 305 -1.03 16.35 30.47
CA LEU B 305 -2.07 15.46 31.00
C LEU B 305 -3.34 16.23 31.28
N ALA B 306 -3.22 17.46 31.81
CA ALA B 306 -4.41 18.28 32.04
C ALA B 306 -5.09 18.64 30.73
N VAL B 307 -4.31 18.97 29.70
CA VAL B 307 -4.89 19.33 28.41
C VAL B 307 -5.60 18.14 27.79
N PHE B 308 -5.00 16.95 27.87
CA PHE B 308 -5.61 15.76 27.28
C PHE B 308 -6.94 15.44 27.95
N ILE B 309 -7.00 15.53 29.28
CA ILE B 309 -8.24 15.25 29.99
C ILE B 309 -9.28 16.34 29.73
N LEU B 310 -8.84 17.59 29.68
CA LEU B 310 -9.79 18.70 29.59
C LEU B 310 -10.47 18.76 28.23
N TYR B 311 -9.72 18.58 27.15
CA TYR B 311 -10.24 18.83 25.81
C TYR B 311 -10.08 17.68 24.83
N GLU B 312 -9.22 16.69 25.08
CA GLU B 312 -8.89 15.70 24.07
C GLU B 312 -9.62 14.37 24.26
N VAL B 313 -10.21 14.11 25.42
CA VAL B 313 -10.90 12.83 25.62
C VAL B 313 -12.16 12.78 24.77
N GLN B 314 -12.86 13.90 24.62
CA GLN B 314 -14.10 13.94 23.86
C GLN B 314 -13.84 14.39 22.42
N GLY B 320 -17.53 20.65 19.87
CA GLY B 320 -17.45 22.09 19.96
C GLY B 320 -16.69 22.57 21.19
N HIS B 321 -15.64 23.36 20.95
CA HIS B 321 -14.81 23.89 22.02
C HIS B 321 -14.58 25.37 21.79
N THR B 322 -14.27 26.08 22.87
CA THR B 322 -14.06 27.52 22.82
C THR B 322 -12.70 27.85 22.23
N ARG B 323 -12.49 29.13 21.92
CA ARG B 323 -11.23 29.56 21.32
C ARG B 323 -10.07 29.36 22.28
N GLN B 324 -10.29 29.57 23.58
CA GLN B 324 -9.22 29.40 24.55
C GLN B 324 -8.73 27.97 24.60
N ALA B 325 -9.64 27.00 24.48
CA ALA B 325 -9.25 25.59 24.49
C ALA B 325 -8.35 25.28 23.30
N LEU B 326 -8.67 25.82 22.13
CA LEU B 326 -7.84 25.58 20.95
C LEU B 326 -6.47 26.23 21.09
N VAL B 327 -6.42 27.43 21.69
CA VAL B 327 -5.15 28.10 21.91
C VAL B 327 -4.29 27.32 22.89
N ILE B 328 -4.91 26.81 23.97
CA ILE B 328 -4.16 26.08 25.00
C ILE B 328 -3.54 24.82 24.41
N TYR B 329 -4.30 24.08 23.60
CA TYR B 329 -3.78 22.84 23.02
C TYR B 329 -2.59 23.11 22.11
N TYR B 330 -2.70 24.13 21.25
CA TYR B 330 -1.62 24.44 20.33
C TYR B 330 -0.42 25.02 21.07
N SER B 331 -0.67 25.80 22.12
CA SER B 331 0.43 26.38 22.88
C SER B 331 1.28 25.30 23.55
N PHE B 332 0.63 24.29 24.12
CA PHE B 332 1.38 23.23 24.79
C PHE B 332 2.17 22.39 23.78
N ASN B 333 1.53 22.02 22.67
CA ASN B 333 2.20 21.17 21.69
C ASN B 333 3.38 21.88 21.05
N ILE B 334 3.22 23.17 20.73
CA ILE B 334 4.33 23.93 20.16
C ILE B 334 5.49 24.01 21.15
N VAL B 335 5.17 24.27 22.42
CA VAL B 335 6.21 24.32 23.45
C VAL B 335 6.84 22.94 23.63
N CYS B 336 6.02 21.89 23.70
CA CYS B 336 6.54 20.54 23.91
C CYS B 336 7.39 20.09 22.74
N LEU B 337 6.87 20.23 21.51
CA LEU B 337 7.63 19.81 20.34
C LEU B 337 8.83 20.72 20.10
N GLY B 338 8.68 22.02 20.38
CA GLY B 338 9.81 22.93 20.23
C GLY B 338 10.94 22.62 21.18
N LEU B 339 10.62 22.20 22.40
CA LEU B 339 11.66 21.92 23.38
C LEU B 339 12.47 20.68 23.01
N MET B 340 11.81 19.62 22.55
CA MET B 340 12.54 18.44 22.10
C MET B 340 13.40 18.74 20.88
N THR B 341 12.91 19.59 19.98
CA THR B 341 13.71 19.97 18.82
C THR B 341 15.00 20.65 19.25
N LEU B 342 14.92 21.55 20.23
CA LEU B 342 16.12 22.19 20.74
C LEU B 342 16.97 21.19 21.54
N VAL B 343 16.33 20.33 22.33
CA VAL B 343 17.06 19.40 23.18
C VAL B 343 17.74 18.33 22.33
N SER B 344 17.03 17.77 21.36
CA SER B 344 17.64 16.76 20.49
C SER B 344 18.77 17.34 19.66
N LEU B 345 18.59 18.57 19.18
CA LEU B 345 19.67 19.25 18.46
C LEU B 345 20.86 19.49 19.38
N SER B 346 20.60 19.89 20.62
CA SER B 346 21.69 20.09 21.58
C SER B 346 22.43 18.80 21.85
N GLY B 347 21.71 17.68 21.94
CA GLY B 347 22.37 16.41 22.14
C GLY B 347 23.23 16.00 20.97
N SER B 348 22.77 16.27 19.75
CA SER B 348 23.53 15.88 18.55
C SER B 348 24.86 16.63 18.48
N VAL B 349 24.86 17.93 18.77
CA VAL B 349 26.09 18.71 18.69
C VAL B 349 27.04 18.35 19.82
N ILE B 350 26.54 17.74 20.90
CA ILE B 350 27.43 17.27 21.97
C ILE B 350 28.32 16.15 21.45
N TYR B 351 27.76 15.22 20.67
CA TYR B 351 28.54 14.14 20.11
C TYR B 351 29.54 14.65 19.06
N ARG B 352 29.23 15.78 18.42
CA ARG B 352 30.14 16.32 17.42
C ARG B 352 31.47 16.74 18.03
N PHE B 353 31.47 17.12 19.31
CA PHE B 353 32.70 17.57 19.95
C PHE B 353 33.64 16.42 20.29
N ASP B 354 33.17 15.17 20.25
CA ASP B 354 34.02 14.03 20.54
C ASP B 354 34.92 13.70 19.36
N HIS B 361 30.98 1.99 15.09
CA HIS B 361 31.93 1.68 14.03
C HIS B 361 32.03 0.17 13.82
N LYS B 362 32.73 -0.52 14.72
CA LYS B 362 32.85 -1.97 14.60
C LYS B 362 31.51 -2.66 14.83
N ASN B 363 30.67 -2.10 15.70
CA ASN B 363 29.36 -2.69 15.93
C ASN B 363 28.49 -2.53 14.69
N PRO B 364 27.66 -3.52 14.35
CA PRO B 364 26.83 -3.42 13.17
C PRO B 364 25.68 -2.43 13.36
N THR B 365 25.19 -1.91 12.24
CA THR B 365 24.09 -0.96 12.26
C THR B 365 22.82 -1.65 12.74
N ARG B 366 22.15 -1.06 13.72
CA ARG B 366 20.90 -1.59 14.25
C ARG B 366 19.79 -1.24 13.27
N THR B 367 19.64 -2.10 12.26
CA THR B 367 18.72 -1.80 11.17
C THR B 367 17.28 -1.72 11.65
N LEU B 368 16.88 -2.61 12.56
CA LEU B 368 15.51 -2.60 13.05
C LEU B 368 15.21 -1.29 13.79
N ASP B 369 16.14 -0.82 14.61
CA ASP B 369 15.91 0.41 15.35
C ASP B 369 15.81 1.60 14.41
N VAL B 370 16.68 1.66 13.40
CA VAL B 370 16.64 2.78 12.46
C VAL B 370 15.39 2.71 11.59
N ALA B 371 15.03 1.50 11.15
CA ALA B 371 13.84 1.35 10.31
C ALA B 371 12.58 1.68 11.08
N LEU B 372 12.47 1.21 12.33
CA LEU B 372 11.26 1.47 13.11
C LEU B 372 11.11 2.94 13.45
N LEU B 373 12.21 3.60 13.82
CA LEU B 373 12.15 5.01 14.19
C LEU B 373 11.75 5.87 12.99
N TRP B 374 12.37 5.64 11.84
CA TRP B 374 12.04 6.40 10.64
C TRP B 374 10.75 5.90 10.00
N GLY B 375 10.50 4.59 10.05
CA GLY B 375 9.29 4.06 9.44
C GLY B 375 8.03 4.49 10.16
N ALA B 376 8.03 4.45 11.50
CA ALA B 376 6.83 4.82 12.25
C ALA B 376 6.61 6.33 12.26
N ALA B 377 7.66 7.12 12.01
CA ALA B 377 7.51 8.56 11.92
C ALA B 377 6.78 8.99 10.65
N LEU B 378 6.57 8.06 9.71
CA LEU B 378 5.86 8.40 8.47
C LEU B 378 4.41 8.78 8.73
N GLY B 379 3.80 8.20 9.77
CA GLY B 379 2.41 8.52 10.06
C GLY B 379 2.20 9.97 10.41
N GLN B 380 3.06 10.51 11.27
CA GLN B 380 2.94 11.92 11.62
C GLN B 380 3.41 12.83 10.49
N TYR B 381 4.33 12.35 9.65
CA TYR B 381 4.72 13.14 8.49
C TYR B 381 3.55 13.33 7.54
N ALA B 382 2.78 12.28 7.29
CA ALA B 382 1.63 12.39 6.40
C ALA B 382 0.57 13.33 6.97
N ILE B 383 0.32 13.23 8.29
CA ILE B 383 -0.63 14.13 8.92
C ILE B 383 -0.13 15.58 8.84
N SER B 384 1.16 15.78 9.09
CA SER B 384 1.72 17.13 9.00
C SER B 384 1.71 17.65 7.57
N TYR B 385 2.07 16.80 6.60
CA TYR B 385 2.05 17.22 5.21
C TYR B 385 0.65 17.57 4.75
N TYR B 386 -0.34 16.75 5.14
CA TYR B 386 -1.73 17.06 4.82
C TYR B 386 -2.17 18.36 5.49
N SER B 387 -1.76 18.56 6.74
CA SER B 387 -2.14 19.77 7.46
C SER B 387 -1.52 21.02 6.84
N ILE B 388 -0.27 20.92 6.39
CA ILE B 388 0.43 22.09 5.86
C ILE B 388 -0.28 22.61 4.62
N VAL B 389 -0.63 21.71 3.69
CA VAL B 389 -1.29 22.14 2.47
C VAL B 389 -2.74 22.53 2.75
N ALA B 390 -3.28 22.05 3.87
CA ALA B 390 -4.67 22.42 4.25
C ALA B 390 -4.66 23.80 4.90
N VAL B 391 -3.48 24.25 5.33
CA VAL B 391 -3.37 25.62 5.92
C VAL B 391 -2.95 26.57 4.78
N VAL B 392 -1.80 26.29 4.15
CA VAL B 392 -1.31 27.12 3.01
C VAL B 392 -2.51 27.48 2.13
N VAL B 393 -3.42 26.52 1.89
CA VAL B 393 -4.57 26.77 0.99
C VAL B 393 -5.86 26.49 1.77
N GLY B 394 -6.80 27.44 1.79
CA GLY B 394 -8.07 27.26 2.49
C GLY B 394 -8.08 27.97 3.83
N SER B 395 -7.39 27.35 4.80
CA SER B 395 -7.29 27.97 6.14
C SER B 395 -7.08 29.45 5.91
N PRO B 396 -8.05 30.31 6.24
CA PRO B 396 -7.84 31.76 6.14
C PRO B 396 -6.55 32.10 6.90
N ARG B 397 -5.91 33.22 6.57
CA ARG B 397 -4.74 33.65 7.40
C ARG B 397 -5.32 34.13 8.73
N ASP B 398 -5.32 33.27 9.76
CA ASP B 398 -5.90 33.62 11.09
C ASP B 398 -4.99 33.00 12.17
N LEU B 399 -5.29 33.23 13.45
CA LEU B 399 -4.48 32.68 14.53
C LEU B 399 -4.46 31.15 14.48
N GLN B 400 -5.61 30.53 14.22
CA GLN B 400 -5.65 29.07 14.12
C GLN B 400 -4.77 28.56 12.99
N GLY B 401 -4.79 29.25 11.86
CA GLY B 401 -3.93 28.85 10.75
C GLY B 401 -2.45 28.94 11.10
N ALA B 402 -2.06 30.03 11.76
CA ALA B 402 -0.67 30.18 12.18
C ALA B 402 -0.28 29.12 13.19
N LEU B 403 -1.16 28.85 14.17
CA LEU B 403 -0.87 27.83 15.16
C LEU B 403 -0.85 26.44 14.53
N ASN B 404 -1.79 26.17 13.60
CA ASN B 404 -1.81 24.87 12.93
C ASN B 404 -0.57 24.67 12.07
N LEU B 405 -0.16 25.70 11.33
CA LEU B 405 1.02 25.57 10.48
C LEU B 405 2.28 25.35 11.30
N SER B 406 2.44 26.08 12.40
CA SER B 406 3.62 25.91 13.24
C SER B 406 3.63 24.55 13.91
N HIS B 407 2.48 24.08 14.39
CA HIS B 407 2.43 22.78 15.04
C HIS B 407 2.73 21.66 14.06
N ALA B 408 2.17 21.74 12.85
CA ALA B 408 2.46 20.72 11.84
C ALA B 408 3.93 20.72 11.44
N LEU B 409 4.52 21.90 11.29
CA LEU B 409 5.93 22.00 10.95
C LEU B 409 6.82 21.50 12.09
N LEU B 410 6.39 21.70 13.34
CA LEU B 410 7.20 21.28 14.47
C LEU B 410 7.20 19.78 14.65
N MET B 411 6.12 19.10 14.25
CA MET B 411 6.10 17.64 14.30
C MET B 411 7.16 17.04 13.37
N ILE B 412 7.29 17.60 12.17
CA ILE B 412 8.31 17.12 11.24
C ILE B 412 9.71 17.37 11.80
N ALA B 413 9.92 18.57 12.36
CA ALA B 413 11.20 18.89 12.97
C ALA B 413 11.49 18.01 14.17
N GLN B 414 10.48 17.80 15.04
CA GLN B 414 10.69 17.00 16.24
C GLN B 414 11.03 15.56 15.88
N HIS B 415 10.31 14.97 14.92
CA HIS B 415 10.56 13.58 14.55
C HIS B 415 11.95 13.42 13.93
N THR B 416 12.35 14.36 13.08
CA THR B 416 13.64 14.23 12.39
C THR B 416 14.80 14.38 13.36
N PHE B 417 14.77 15.42 14.20
CA PHE B 417 15.91 15.70 15.05
C PHE B 417 15.99 14.76 16.25
N GLN B 418 14.86 14.25 16.73
CA GLN B 418 14.91 13.24 17.77
C GLN B 418 15.47 11.93 17.24
N ASN B 419 15.10 11.55 16.02
CA ASN B 419 15.59 10.31 15.43
C ASN B 419 17.11 10.36 15.25
N VAL B 420 17.64 11.52 14.84
CA VAL B 420 19.09 11.64 14.65
C VAL B 420 19.81 11.43 15.98
N PHE B 421 19.31 12.05 17.04
CA PHE B 421 19.97 11.92 18.35
C PHE B 421 19.91 10.48 18.85
N ILE B 422 18.78 9.81 18.70
CA ILE B 422 18.64 8.45 19.22
C ILE B 422 19.50 7.49 18.43
N ILE B 423 19.53 7.62 17.10
CA ILE B 423 20.27 6.68 16.26
C ILE B 423 21.76 6.76 16.55
N GLU B 424 22.28 7.99 16.61
CA GLU B 424 23.72 8.18 16.86
C GLU B 424 24.06 7.62 18.25
N SER B 425 23.24 7.94 19.26
CA SER B 425 23.55 7.54 20.63
C SER B 425 23.62 6.03 20.76
N LEU B 426 22.71 5.30 20.12
CA LEU B 426 22.71 3.84 20.22
C LEU B 426 23.95 3.24 19.55
N HIS B 427 24.34 3.77 18.39
CA HIS B 427 25.47 3.20 17.66
C HIS B 427 26.78 3.37 18.41
N ARG B 428 26.98 4.54 19.02
CA ARG B 428 28.21 4.76 19.79
C ARG B 428 28.26 3.84 21.00
N GLY B 429 27.13 3.62 21.67
CA GLY B 429 27.08 2.75 22.82
C GLY B 429 27.78 3.29 24.05
N CYS B 487 35.67 14.73 30.17
CA CYS B 487 34.60 15.68 30.47
C CYS B 487 33.52 15.03 31.31
N HIS B 488 33.48 15.42 32.59
CA HIS B 488 32.47 14.88 33.51
C HIS B 488 31.07 15.35 33.16
N TRP B 489 30.93 16.57 32.64
CA TRP B 489 29.62 17.08 32.26
C TRP B 489 29.04 16.37 31.05
N ARG B 490 29.87 15.70 30.25
CA ARG B 490 29.40 15.06 29.03
C ARG B 490 28.38 13.97 29.36
N ARG B 491 28.71 13.11 30.32
CA ARG B 491 27.79 12.02 30.67
C ARG B 491 26.57 12.54 31.43
N ARG B 492 26.78 13.51 32.33
CA ARG B 492 25.68 14.02 33.14
C ARG B 492 24.63 14.72 32.28
N CYS B 493 25.05 15.48 31.27
CA CYS B 493 24.10 16.20 30.43
C CYS B 493 23.28 15.26 29.56
N LEU B 494 23.90 14.19 29.04
CA LEU B 494 23.18 13.24 28.21
C LEU B 494 22.12 12.47 28.97
N LYS B 495 22.30 12.29 30.29
CA LYS B 495 21.27 11.64 31.09
C LYS B 495 19.99 12.47 31.12
N ASP B 496 20.12 13.79 31.24
CA ASP B 496 18.96 14.67 31.28
C ASP B 496 18.31 14.80 29.90
N ILE B 497 19.13 14.87 28.84
CA ILE B 497 18.57 14.93 27.49
C ILE B 497 17.78 13.66 27.19
N SER B 498 18.33 12.51 27.55
CA SER B 498 17.60 11.26 27.37
C SER B 498 16.35 11.21 28.24
N LEU B 499 16.45 11.73 29.47
CA LEU B 499 15.30 11.68 30.38
C LEU B 499 14.24 12.70 29.98
N PHE B 500 14.65 13.89 29.55
CA PHE B 500 13.68 14.89 29.11
C PHE B 500 12.93 14.42 27.87
N LEU B 501 13.66 13.85 26.90
CA LEU B 501 13.00 13.33 25.70
C LEU B 501 12.12 12.14 26.04
N LEU B 502 12.54 11.31 27.00
CA LEU B 502 11.74 10.17 27.39
C LEU B 502 10.40 10.59 27.96
N LEU B 503 10.41 11.60 28.84
CA LEU B 503 9.16 12.07 29.42
C LEU B 503 8.32 12.83 28.42
N CYS B 504 8.95 13.57 27.51
CA CYS B 504 8.20 14.30 26.49
C CYS B 504 7.61 13.39 25.43
N ASN B 505 8.19 12.21 25.21
CA ASN B 505 7.60 11.25 24.30
C ASN B 505 6.39 10.54 24.92
N VAL B 506 6.42 10.32 26.24
CA VAL B 506 5.30 9.65 26.91
C VAL B 506 4.05 10.52 26.86
N ILE B 507 4.20 11.83 27.07
CA ILE B 507 3.03 12.69 27.22
C ILE B 507 2.30 12.82 25.88
N LEU B 508 3.02 12.96 24.77
CA LEU B 508 2.34 13.03 23.48
C LEU B 508 2.06 11.66 22.90
N TRP B 509 2.28 10.58 23.65
CA TRP B 509 1.85 9.26 23.21
C TRP B 509 0.36 9.07 23.42
N ILE B 510 -0.23 9.71 24.42
CA ILE B 510 -1.63 9.47 24.75
C ILE B 510 -2.56 10.05 23.68
N MET B 511 -2.16 11.16 23.04
CA MET B 511 -3.03 11.78 22.04
C MET B 511 -3.32 10.86 20.86
N PRO B 512 -2.33 10.23 20.21
CA PRO B 512 -2.68 9.25 19.16
C PRO B 512 -3.24 7.95 19.70
N ALA B 513 -3.17 7.71 21.00
CA ALA B 513 -3.62 6.46 21.60
C ALA B 513 -5.03 6.56 22.17
N PHE B 514 -5.31 7.58 23.00
CA PHE B 514 -6.59 7.67 23.68
C PHE B 514 -7.36 8.95 23.35
N GLY B 515 -6.93 9.70 22.34
CA GLY B 515 -7.62 10.92 21.95
C GLY B 515 -8.56 10.68 20.78
N ALA B 516 -9.58 11.53 20.67
CA ALA B 516 -10.50 11.44 19.52
C ALA B 516 -9.71 11.67 18.23
N ARG B 517 -9.73 10.69 17.32
CA ARG B 517 -8.91 10.78 16.07
C ARG B 517 -9.12 12.13 15.36
N PRO B 518 -10.33 12.52 14.91
CA PRO B 518 -10.48 13.77 14.15
C PRO B 518 -9.96 14.96 14.96
N HIS B 519 -10.08 14.92 16.29
CA HIS B 519 -9.60 16.02 17.20
C HIS B 519 -10.48 17.27 17.04
N PHE B 520 -10.37 18.20 17.99
CA PHE B 520 -11.24 19.40 17.95
C PHE B 520 -10.49 20.54 17.26
N SER B 521 -9.15 20.49 17.29
CA SER B 521 -8.34 21.54 16.67
C SER B 521 -8.19 21.35 15.17
N ASN B 522 -8.75 20.28 14.61
CA ASN B 522 -8.60 19.98 13.18
C ASN B 522 -9.75 20.52 12.34
N THR B 523 -10.35 21.65 12.74
CA THR B 523 -11.43 22.23 11.97
C THR B 523 -10.95 22.66 10.58
N VAL B 524 -9.74 23.21 10.50
CA VAL B 524 -9.21 23.66 9.22
C VAL B 524 -9.02 22.48 8.27
N GLU B 525 -8.44 21.39 8.77
CA GLU B 525 -8.24 20.20 7.93
C GLU B 525 -9.57 19.54 7.59
N VAL B 526 -10.50 19.50 8.54
CA VAL B 526 -11.81 18.89 8.28
C VAL B 526 -12.56 19.67 7.21
N ASP B 527 -12.53 21.00 7.29
CA ASP B 527 -13.21 21.82 6.28
C ASP B 527 -12.58 21.64 4.90
N PHE B 528 -11.24 21.53 4.86
CA PHE B 528 -10.55 21.42 3.58
C PHE B 528 -10.84 20.08 2.89
N TYR B 529 -10.71 18.98 3.63
CA TYR B 529 -10.86 17.66 3.05
C TYR B 529 -12.24 17.05 3.24
N GLY B 530 -13.04 17.57 4.15
CA GLY B 530 -14.24 16.86 4.51
C GLY B 530 -13.99 15.88 5.65
N TYR B 531 -15.04 15.64 6.43
CA TYR B 531 -14.88 14.76 7.59
C TYR B 531 -14.52 13.34 7.16
N SER B 532 -15.15 12.84 6.11
CA SER B 532 -14.94 11.45 5.71
C SER B 532 -13.49 11.21 5.30
N LEU B 533 -12.91 12.13 4.52
CA LEU B 533 -11.54 11.95 4.06
C LEU B 533 -10.54 12.16 5.18
N TRP B 534 -10.74 13.20 6.00
CA TRP B 534 -9.80 13.48 7.08
C TRP B 534 -9.83 12.41 8.16
N ALA B 535 -11.02 11.88 8.46
CA ALA B 535 -11.13 10.83 9.45
C ALA B 535 -10.36 9.57 9.01
N ALA B 536 -10.42 9.25 7.71
CA ALA B 536 -9.65 8.12 7.21
C ALA B 536 -8.15 8.38 7.33
N ILE B 537 -7.72 9.61 7.04
CA ILE B 537 -6.30 9.94 7.08
C ILE B 537 -5.74 9.81 8.49
N VAL B 538 -6.45 10.37 9.47
CA VAL B 538 -5.96 10.32 10.84
C VAL B 538 -6.04 8.91 11.39
N ASN B 539 -7.09 8.16 11.03
CA ASN B 539 -7.24 6.80 11.55
C ASN B 539 -6.21 5.85 10.95
N ILE B 540 -5.57 6.21 9.85
CA ILE B 540 -4.50 5.40 9.28
C ILE B 540 -3.15 5.78 9.84
N CYS B 541 -2.86 7.09 9.93
CA CYS B 541 -1.51 7.56 10.21
C CYS B 541 -1.27 7.80 11.70
N LEU B 542 -2.26 8.29 12.43
CA LEU B 542 -2.08 8.53 13.86
C LEU B 542 -1.72 7.27 14.64
N PRO B 543 -2.35 6.11 14.43
CA PRO B 543 -1.94 4.92 15.18
C PRO B 543 -0.49 4.52 14.98
N PHE B 544 0.13 4.89 13.86
CA PHE B 544 1.54 4.62 13.68
C PHE B 544 2.41 5.53 14.56
N GLY B 545 1.86 6.64 15.04
CA GLY B 545 2.57 7.44 16.02
C GLY B 545 2.68 6.76 17.36
N ILE B 546 1.75 5.85 17.66
CA ILE B 546 1.86 5.03 18.87
C ILE B 546 3.09 4.15 18.80
N PHE B 547 3.36 3.57 17.63
CA PHE B 547 4.55 2.75 17.47
C PHE B 547 5.81 3.57 17.65
N TYR B 548 5.83 4.79 17.10
CA TYR B 548 7.02 5.62 17.22
C TYR B 548 7.25 6.05 18.67
N ARG B 549 6.21 6.55 19.34
CA ARG B 549 6.37 7.03 20.70
C ARG B 549 6.79 5.91 21.64
N MET B 550 6.21 4.72 21.47
CA MET B 550 6.60 3.59 22.30
C MET B 550 8.04 3.18 22.03
N HIS B 551 8.46 3.18 20.77
CA HIS B 551 9.83 2.79 20.44
C HIS B 551 10.82 3.88 20.83
N ALA B 552 10.44 5.15 20.73
CA ALA B 552 11.33 6.21 21.16
C ALA B 552 11.60 6.14 22.65
N VAL B 553 10.57 5.83 23.44
CA VAL B 553 10.76 5.71 24.89
C VAL B 553 11.68 4.56 25.23
N SER B 554 11.46 3.40 24.59
CA SER B 554 12.30 2.25 24.85
C SER B 554 13.74 2.50 24.40
N SER B 555 13.92 3.15 23.25
CA SER B 555 15.26 3.49 22.79
C SER B 555 15.92 4.49 23.73
N LEU B 556 15.15 5.48 24.20
CA LEU B 556 15.70 6.46 25.13
C LEU B 556 16.00 5.84 26.49
N LEU B 557 15.22 4.84 26.90
CA LEU B 557 15.57 4.06 28.08
C LEU B 557 16.90 3.37 27.90
N GLU B 558 17.13 2.78 26.72
CA GLU B 558 18.42 2.16 26.43
C GLU B 558 19.53 3.19 26.40
N VAL B 559 19.29 4.34 25.78
CA VAL B 559 20.31 5.38 25.69
C VAL B 559 20.67 5.90 27.08
N TYR B 560 19.66 6.16 27.90
CA TYR B 560 19.90 6.68 29.25
C TYR B 560 20.67 5.68 30.10
N VAL B 561 20.50 4.39 29.86
CA VAL B 561 21.18 3.38 30.67
C VAL B 561 22.68 3.40 30.40
N LEU B 562 23.08 3.44 29.11
CA LEU B 562 24.49 3.41 28.78
C LEU B 562 25.19 4.71 29.16
N SER B 563 24.74 5.83 28.58
CA SER B 563 25.37 7.11 28.84
C SER B 563 24.41 8.26 28.59
#